data_5NTG
#
_entry.id   5NTG
#
_cell.length_a   160.120
_cell.length_b   160.120
_cell.length_c   203.672
_cell.angle_alpha   90.00
_cell.angle_beta   90.00
_cell.angle_gamma   120.00
#
_symmetry.space_group_name_H-M   'H 3 2'
#
loop_
_entity.id
_entity.type
_entity.pdbx_description
1 polymer Aminopeptidase
2 non-polymer 'CITRIC ACID'
3 non-polymer 'MANGANESE (II) ION'
4 non-polymer 'SULFATE ION'
5 water water
#
_entity_poly.entity_id   1
_entity_poly.type   'polypeptide(L)'
_entity_poly.pdbx_seq_one_letter_code
;MNRPPATDSGASEFVRSCVNFETNVEFTDVDAYKKTHTAGLASTFVVILGTHAQLREDALKELPFYCPAVAEAIQRVKKG
ETYAVLAEGVKNEANERFVRVLVGEVPSEASRTNCPARPDVVASLLSAALEEIKGPETKVDVFVRSTAALAIAVAAARSA
KRNFTAKEGLATRGYCDNCVRLTVVFPTAPNPSPSELAVVATSTQLCQRLVDAPTNLLNTATFAEVAQSYAKELGCAVDV
ICGEELRERGYGGIYSVGKCAVEAPRLVTLSYKPKDETRKKVALVGKGIVYDSGGLSLKPTNFMTGMKRDMGGAAAVFCG
FLTAVRLQMPIELSCTLCLAENAIGPDAYRNDDILTLKSGKTVEVNNTDAEGRLVLGDGVFHATHEISFKPDVLVDMATL
TGAQGIATGHRHAGIFVNDEEEELSFLKAGRASGETCFPVLYCPEYHVTEFRSPVADMRNSVKQVNNASVSCAGQFVANH
LSPDFKGKHIHVDMAFPAFENDKATGFGPALLTEYLRNLR
;
_entity_poly.pdbx_strand_id   A,B
#
loop_
_chem_comp.id
_chem_comp.type
_chem_comp.name
_chem_comp.formula
CIT non-polymer 'CITRIC ACID' 'C6 H8 O7'
MN non-polymer 'MANGANESE (II) ION' 'Mn 2'
SO4 non-polymer 'SULFATE ION' 'O4 S -2'
#
# COMPACT_ATOMS: atom_id res chain seq x y z
N SER A 9 15.27 -27.23 -31.93
CA SER A 9 16.19 -26.04 -32.14
C SER A 9 15.37 -24.76 -32.35
N GLY A 10 16.02 -23.63 -32.06
CA GLY A 10 15.33 -22.39 -31.68
C GLY A 10 15.20 -22.46 -30.15
N ALA A 11 14.27 -23.30 -29.69
CA ALA A 11 14.05 -23.53 -28.26
C ALA A 11 15.21 -24.25 -27.57
N SER A 12 15.74 -25.32 -28.18
CA SER A 12 16.80 -26.12 -27.52
C SER A 12 18.12 -25.36 -27.39
N GLU A 13 18.35 -24.41 -28.30
CA GLU A 13 19.47 -23.47 -28.18
C GLU A 13 19.27 -22.48 -27.02
N PHE A 14 18.03 -22.03 -26.80
CA PHE A 14 17.73 -21.17 -25.66
C PHE A 14 17.90 -21.95 -24.37
N VAL A 15 17.47 -23.20 -24.39
CA VAL A 15 17.62 -24.08 -23.21
C VAL A 15 19.09 -24.28 -22.87
N ARG A 16 19.90 -24.55 -23.89
CA ARG A 16 21.33 -24.81 -23.70
C ARG A 16 22.00 -23.54 -23.13
N SER A 17 21.62 -22.40 -23.68
CA SER A 17 22.04 -21.08 -23.18
C SER A 17 21.73 -20.92 -21.67
N CYS A 18 20.55 -21.33 -21.23
CA CYS A 18 20.15 -21.13 -19.79
C CYS A 18 20.89 -22.07 -18.86
N VAL A 19 21.08 -23.29 -19.32
CA VAL A 19 21.62 -24.39 -18.50
C VAL A 19 23.10 -24.16 -18.13
N ASN A 20 23.86 -23.61 -19.09
CA ASN A 20 25.30 -23.36 -18.93
C ASN A 20 25.67 -21.95 -18.52
N PHE A 21 24.66 -21.16 -18.20
CA PHE A 21 24.82 -19.74 -18.10
C PHE A 21 25.81 -19.32 -17.04
N GLU A 22 26.75 -18.48 -17.45
CA GLU A 22 27.66 -17.78 -16.54
C GLU A 22 27.45 -16.29 -16.68
N THR A 23 27.78 -15.55 -15.65
CA THR A 23 27.76 -14.09 -15.70
C THR A 23 28.96 -13.47 -16.40
N ASN A 24 28.79 -12.25 -16.87
CA ASN A 24 29.89 -11.48 -17.42
C ASN A 24 30.42 -10.39 -16.47
N VAL A 25 30.08 -10.50 -15.18
CA VAL A 25 30.53 -9.53 -14.20
C VAL A 25 31.42 -10.21 -13.18
N GLU A 26 32.56 -9.56 -12.94
CA GLU A 26 33.56 -9.96 -11.93
C GLU A 26 33.67 -8.86 -10.90
N PHE A 27 34.10 -9.22 -9.70
CA PHE A 27 34.21 -8.28 -8.59
C PHE A 27 35.58 -8.32 -7.93
N THR A 28 36.08 -7.17 -7.57
CA THR A 28 37.38 -7.07 -6.94
C THR A 28 37.43 -5.76 -6.16
N ASP A 29 38.63 -5.34 -5.75
CA ASP A 29 38.79 -4.09 -5.02
C ASP A 29 40.02 -3.36 -5.50
N VAL A 30 40.12 -2.10 -5.11
CA VAL A 30 41.17 -1.21 -5.55
C VAL A 30 42.58 -1.74 -5.29
N ASP A 31 42.81 -2.29 -4.09
CA ASP A 31 44.11 -2.80 -3.69
CA ASP A 31 44.12 -2.82 -3.68
C ASP A 31 44.47 -4.03 -4.53
N ALA A 32 43.56 -4.97 -4.64
CA ALA A 32 43.81 -6.18 -5.46
C ALA A 32 44.01 -5.82 -6.93
N TYR A 33 43.29 -4.80 -7.38
CA TYR A 33 43.42 -4.27 -8.76
C TYR A 33 44.84 -3.72 -9.00
N LYS A 34 45.32 -2.87 -8.09
CA LYS A 34 46.69 -2.32 -8.15
C LYS A 34 47.79 -3.41 -8.10
N LYS A 35 47.57 -4.49 -7.37
CA LYS A 35 48.56 -5.61 -7.32
C LYS A 35 48.57 -6.47 -8.56
N THR A 36 47.44 -6.58 -9.23
CA THR A 36 47.29 -7.51 -10.40
C THR A 36 47.67 -6.83 -11.74
N HIS A 37 47.42 -5.54 -11.83
CA HIS A 37 47.60 -4.71 -13.05
C HIS A 37 48.61 -3.61 -12.79
N THR A 38 49.89 -3.93 -12.72
CA THR A 38 50.94 -2.86 -12.48
C THR A 38 51.46 -2.30 -13.80
N ALA A 39 51.08 -2.95 -14.89
CA ALA A 39 51.35 -2.48 -16.27
C ALA A 39 50.21 -1.60 -16.89
N GLY A 40 49.55 -0.79 -16.04
CA GLY A 40 48.50 0.16 -16.46
C GLY A 40 47.09 -0.39 -16.30
N LEU A 41 46.08 0.47 -16.44
CA LEU A 41 44.68 0.02 -16.57
C LEU A 41 44.50 -1.20 -17.45
N ALA A 42 43.74 -2.18 -16.98
CA ALA A 42 43.42 -3.37 -17.77
C ALA A 42 42.28 -3.16 -18.78
N SER A 43 41.81 -1.93 -18.97
CA SER A 43 40.72 -1.63 -19.87
C SER A 43 40.92 -0.24 -20.43
N THR A 44 40.22 0.08 -21.52
CA THR A 44 40.22 1.46 -22.03
C THR A 44 38.93 2.22 -21.90
N PHE A 45 38.00 1.61 -21.18
CA PHE A 45 36.73 2.21 -20.90
C PHE A 45 36.49 2.05 -19.38
N VAL A 46 36.36 3.18 -18.70
CA VAL A 46 36.24 3.22 -17.27
C VAL A 46 35.05 4.03 -16.87
N VAL A 47 34.30 3.50 -15.91
CA VAL A 47 33.17 4.19 -15.29
C VAL A 47 33.50 4.33 -13.83
N ILE A 48 33.38 5.53 -13.31
CA ILE A 48 33.63 5.76 -11.91
C ILE A 48 32.31 6.31 -11.30
N LEU A 49 31.73 5.60 -10.34
CA LEU A 49 30.44 5.96 -9.74
C LEU A 49 30.52 6.22 -8.24
N GLY A 50 30.02 7.37 -7.82
CA GLY A 50 30.03 7.74 -6.43
C GLY A 50 29.16 8.95 -6.12
N THR A 51 28.91 9.16 -4.85
CA THR A 51 28.23 10.38 -4.38
C THR A 51 29.17 11.59 -4.53
N HIS A 52 28.60 12.78 -4.38
CA HIS A 52 29.36 14.02 -4.48
C HIS A 52 30.53 14.01 -3.52
N ALA A 53 30.27 13.54 -2.29
CA ALA A 53 31.34 13.42 -1.31
C ALA A 53 32.33 12.32 -1.67
N GLN A 54 31.83 11.16 -2.07
CA GLN A 54 32.75 10.02 -2.32
C GLN A 54 33.71 10.32 -3.47
N LEU A 55 33.25 11.14 -4.42
CA LEU A 55 34.06 11.48 -5.58
C LEU A 55 35.17 12.48 -5.29
N ARG A 56 35.16 13.04 -4.09
CA ARG A 56 36.16 14.02 -3.66
C ARG A 56 37.07 13.48 -2.58
N GLU A 57 36.95 12.21 -2.25
CA GLU A 57 37.88 11.60 -1.33
C GLU A 57 39.30 11.65 -1.98
N ASP A 58 40.31 11.71 -1.11
CA ASP A 58 41.71 11.68 -1.53
C ASP A 58 42.06 10.41 -2.24
N ALA A 59 41.47 9.29 -1.84
CA ALA A 59 41.83 8.00 -2.45
C ALA A 59 41.55 7.98 -3.96
N LEU A 60 40.58 8.79 -4.41
CA LEU A 60 40.27 8.90 -5.84
C LEU A 60 41.45 9.36 -6.67
N LYS A 61 42.18 10.32 -6.11
CA LYS A 61 43.37 10.88 -6.75
C LYS A 61 44.47 9.89 -7.00
N GLU A 62 44.43 8.76 -6.31
CA GLU A 62 45.43 7.70 -6.49
C GLU A 62 44.99 6.61 -7.44
N LEU A 63 43.78 6.69 -7.95
CA LEU A 63 43.27 5.63 -8.81
C LEU A 63 43.91 5.74 -10.17
N PRO A 64 44.16 4.60 -10.84
CA PRO A 64 44.96 4.55 -12.09
C PRO A 64 44.47 5.34 -13.33
N PHE A 65 43.22 5.78 -13.32
CA PHE A 65 42.66 6.56 -14.40
C PHE A 65 42.60 8.03 -14.02
N TYR A 66 43.02 8.38 -12.81
CA TYR A 66 42.85 9.78 -12.39
C TYR A 66 43.78 10.65 -13.22
N CYS A 67 43.28 11.80 -13.64
CA CYS A 67 44.09 12.76 -14.39
C CYS A 67 43.35 14.06 -14.38
N PRO A 68 43.94 15.12 -14.93
CA PRO A 68 43.22 16.41 -14.82
C PRO A 68 41.83 16.48 -15.48
N ALA A 69 41.63 15.75 -16.58
CA ALA A 69 40.31 15.71 -17.27
C ALA A 69 39.24 15.02 -16.41
N VAL A 70 39.65 13.97 -15.73
CA VAL A 70 38.77 13.27 -14.81
C VAL A 70 38.44 14.18 -13.63
N ALA A 71 39.43 14.88 -13.09
CA ALA A 71 39.18 15.88 -12.03
C ALA A 71 38.19 16.94 -12.49
N GLU A 72 38.33 17.44 -13.71
CA GLU A 72 37.34 18.41 -14.25
C GLU A 72 35.91 17.79 -14.37
N ALA A 73 35.84 16.56 -14.83
CA ALA A 73 34.60 15.82 -14.95
C ALA A 73 33.88 15.70 -13.61
N ILE A 74 34.65 15.43 -12.56
CA ILE A 74 34.13 15.35 -11.20
C ILE A 74 33.52 16.69 -10.77
N GLN A 75 34.17 17.79 -11.12
CA GLN A 75 33.66 19.14 -10.84
C GLN A 75 32.41 19.49 -11.62
N ARG A 76 32.25 18.98 -12.83
CA ARG A 76 31.14 19.40 -13.71
C ARG A 76 29.91 18.51 -13.75
N VAL A 77 30.05 17.27 -13.32
CA VAL A 77 28.99 16.30 -13.44
C VAL A 77 27.84 16.73 -12.57
N LYS A 78 26.63 16.39 -12.99
CA LYS A 78 25.44 16.68 -12.23
C LYS A 78 24.96 15.43 -11.53
N LYS A 79 24.36 15.67 -10.36
CA LYS A 79 23.67 14.64 -9.57
C LYS A 79 22.72 13.87 -10.46
N GLY A 80 22.89 12.54 -10.49
CA GLY A 80 22.04 11.65 -11.25
C GLY A 80 22.42 11.48 -12.71
N GLU A 81 23.55 12.02 -13.11
CA GLU A 81 23.98 12.01 -14.50
C GLU A 81 25.45 11.61 -14.64
N THR A 82 25.82 11.25 -15.86
CA THR A 82 27.18 10.95 -16.19
C THR A 82 27.82 12.14 -16.86
N TYR A 83 29.15 12.16 -16.83
CA TYR A 83 29.94 13.18 -17.56
C TYR A 83 31.16 12.46 -18.13
N ALA A 84 31.29 12.48 -19.44
CA ALA A 84 32.30 11.68 -20.11
C ALA A 84 33.48 12.53 -20.58
N VAL A 85 34.68 11.98 -20.45
CA VAL A 85 35.90 12.58 -21.02
C VAL A 85 36.79 11.55 -21.69
N LEU A 86 37.72 12.05 -22.50
CA LEU A 86 38.84 11.25 -22.97
C LEU A 86 40.04 11.61 -22.12
N ALA A 87 40.62 10.62 -21.45
CA ALA A 87 41.73 10.87 -20.52
C ALA A 87 43.06 10.55 -21.21
N GLU A 88 43.95 11.53 -21.31
CA GLU A 88 45.23 11.37 -21.98
C GLU A 88 46.33 11.12 -20.95
N GLY A 89 47.33 10.33 -21.32
CA GLY A 89 48.46 10.03 -20.44
C GLY A 89 48.21 9.01 -19.34
N VAL A 90 47.15 8.23 -19.52
CA VAL A 90 46.85 7.18 -18.60
C VAL A 90 47.33 5.90 -19.28
N LYS A 91 48.30 5.28 -18.69
CA LYS A 91 48.85 4.06 -19.23
C LYS A 91 47.87 2.90 -19.15
N ASN A 92 47.82 2.12 -20.22
CA ASN A 92 46.83 1.07 -20.34
C ASN A 92 47.32 -0.07 -21.21
N GLU A 93 46.77 -1.25 -20.95
CA GLU A 93 47.21 -2.49 -21.60
C GLU A 93 47.11 -2.39 -23.12
N ALA A 94 46.12 -1.67 -23.60
CA ALA A 94 45.89 -1.54 -25.04
C ALA A 94 46.78 -0.52 -25.73
N ASN A 95 47.55 0.22 -24.95
CA ASN A 95 48.36 1.32 -25.48
C ASN A 95 47.58 2.31 -26.30
N GLU A 96 46.33 2.54 -25.94
CA GLU A 96 45.57 3.64 -26.55
C GLU A 96 46.08 4.94 -26.02
N ARG A 97 46.08 5.94 -26.86
CA ARG A 97 46.44 7.29 -26.43
C ARG A 97 45.43 7.84 -25.42
N PHE A 98 44.16 7.56 -25.70
CA PHE A 98 43.08 8.00 -24.85
C PHE A 98 42.33 6.82 -24.20
N VAL A 99 41.98 6.99 -22.93
CA VAL A 99 41.08 6.09 -22.19
C VAL A 99 39.76 6.84 -22.01
N ARG A 100 38.66 6.16 -22.30
CA ARG A 100 37.33 6.76 -22.11
C ARG A 100 36.95 6.62 -20.65
N VAL A 101 36.61 7.72 -20.03
CA VAL A 101 36.25 7.70 -18.63
C VAL A 101 34.89 8.39 -18.41
N LEU A 102 33.96 7.69 -17.77
CA LEU A 102 32.66 8.26 -17.45
C LEU A 102 32.49 8.41 -15.95
N VAL A 103 32.23 9.63 -15.51
CA VAL A 103 31.99 9.92 -14.11
C VAL A 103 30.48 9.99 -13.89
N GLY A 104 29.97 9.17 -12.99
CA GLY A 104 28.54 9.16 -12.63
C GLY A 104 28.34 9.54 -11.18
N GLU A 105 27.56 10.60 -10.93
CA GLU A 105 27.30 11.03 -9.57
C GLU A 105 25.96 10.45 -9.05
N VAL A 106 26.06 9.65 -8.00
CA VAL A 106 24.93 8.95 -7.40
C VAL A 106 24.41 9.86 -6.29
N PRO A 107 23.08 10.05 -6.20
CA PRO A 107 22.59 10.84 -5.08
C PRO A 107 22.89 10.14 -3.74
N SER A 108 23.10 10.93 -2.70
CA SER A 108 23.29 10.43 -1.36
C SER A 108 21.96 10.23 -0.62
N GLU A 109 20.93 10.98 -1.05
CA GLU A 109 19.60 10.97 -0.42
C GLU A 109 18.94 9.63 -0.67
N ALA A 110 18.42 9.03 0.38
CA ALA A 110 17.60 7.83 0.29
C ALA A 110 16.57 7.76 1.41
N SER A 111 15.34 7.40 1.08
CA SER A 111 14.30 7.25 2.09
C SER A 111 14.47 5.97 2.89
N ARG A 112 13.79 5.93 4.03
CA ARG A 112 13.80 4.75 4.91
C ARG A 112 13.30 3.47 4.24
N THR A 113 12.57 3.61 3.15
CA THR A 113 11.99 2.51 2.42
C THR A 113 12.87 2.07 1.26
N ASN A 114 14.01 2.74 1.06
CA ASN A 114 14.89 2.54 -0.09
C ASN A 114 16.26 2.03 0.36
N CYS A 115 17.01 1.49 -0.59
CA CYS A 115 18.40 1.08 -0.36
C CYS A 115 19.25 2.34 -0.31
N PRO A 116 19.98 2.56 0.81
CA PRO A 116 20.73 3.86 0.91
C PRO A 116 21.85 4.04 -0.11
N ALA A 117 22.35 2.95 -0.70
CA ALA A 117 23.33 3.06 -1.78
C ALA A 117 22.71 3.48 -3.13
N ARG A 118 21.38 3.58 -3.23
CA ARG A 118 20.70 4.00 -4.45
C ARG A 118 21.19 3.25 -5.69
N PRO A 119 21.14 1.91 -5.63
CA PRO A 119 21.45 1.15 -6.80
C PRO A 119 20.55 1.43 -7.99
N ASP A 120 19.34 1.96 -7.76
CA ASP A 120 18.47 2.39 -8.88
C ASP A 120 19.21 3.36 -9.86
N VAL A 121 19.95 4.31 -9.31
CA VAL A 121 20.70 5.26 -10.10
C VAL A 121 22.06 4.68 -10.56
N VAL A 122 22.69 3.89 -9.72
CA VAL A 122 23.88 3.13 -10.16
C VAL A 122 23.54 2.38 -11.46
N ALA A 123 22.45 1.65 -11.43
CA ALA A 123 22.02 0.89 -12.61
C ALA A 123 21.79 1.77 -13.83
N SER A 124 21.08 2.89 -13.64
CA SER A 124 20.73 3.72 -14.82
C SER A 124 21.96 4.49 -15.37
N LEU A 125 22.82 4.95 -14.48
CA LEU A 125 24.12 5.53 -14.90
C LEU A 125 25.02 4.53 -15.64
N LEU A 126 25.15 3.36 -15.08
CA LEU A 126 25.91 2.33 -15.73
C LEU A 126 25.32 1.95 -17.09
N SER A 127 24.02 1.76 -17.15
CA SER A 127 23.32 1.43 -18.41
C SER A 127 23.58 2.42 -19.52
N ALA A 128 23.55 3.68 -19.13
CA ALA A 128 23.71 4.77 -20.07
C ALA A 128 25.14 4.79 -20.58
N ALA A 129 26.09 4.64 -19.66
CA ALA A 129 27.52 4.52 -20.01
C ALA A 129 27.82 3.36 -20.98
N LEU A 130 27.26 2.19 -20.70
CA LEU A 130 27.48 1.02 -21.55
C LEU A 130 26.84 1.09 -22.96
N GLU A 131 26.02 2.09 -23.23
CA GLU A 131 25.49 2.34 -24.60
C GLU A 131 26.53 2.86 -25.59
N GLU A 132 27.61 3.43 -25.10
CA GLU A 132 28.76 3.77 -25.96
C GLU A 132 29.52 2.53 -26.50
N ILE A 133 29.39 1.38 -25.82
CA ILE A 133 30.20 0.21 -26.09
C ILE A 133 29.60 -0.58 -27.26
N LYS A 134 30.38 -0.63 -28.34
CA LYS A 134 30.03 -1.37 -29.57
C LYS A 134 30.51 -2.83 -29.55
N GLY A 135 31.83 -3.01 -29.59
CA GLY A 135 32.50 -4.25 -30.04
C GLY A 135 32.24 -5.46 -29.17
N PRO A 136 32.80 -6.64 -29.53
CA PRO A 136 32.65 -7.88 -28.74
C PRO A 136 33.52 -7.91 -27.48
N GLU A 137 33.05 -8.57 -26.42
CA GLU A 137 33.79 -8.76 -25.15
C GLU A 137 34.74 -7.56 -24.80
N THR A 138 34.22 -6.34 -24.94
CA THR A 138 34.95 -5.13 -24.58
C THR A 138 35.03 -5.03 -23.06
N LYS A 139 36.25 -4.93 -22.54
CA LYS A 139 36.52 -4.90 -21.11
C LYS A 139 36.14 -3.50 -20.57
N VAL A 140 35.30 -3.47 -19.54
CA VAL A 140 34.93 -2.22 -18.88
C VAL A 140 35.20 -2.36 -17.38
N ASP A 141 35.90 -1.37 -16.81
CA ASP A 141 36.12 -1.32 -15.36
C ASP A 141 35.16 -0.33 -14.78
N VAL A 142 34.42 -0.76 -13.76
CA VAL A 142 33.53 0.10 -13.02
C VAL A 142 34.01 0.26 -11.60
N PHE A 143 34.57 1.41 -11.30
CA PHE A 143 35.07 1.70 -9.98
C PHE A 143 33.90 2.35 -9.24
N VAL A 144 33.52 1.73 -8.13
CA VAL A 144 32.41 2.21 -7.32
C VAL A 144 32.98 2.58 -5.99
N ARG A 145 32.43 3.63 -5.41
CA ARG A 145 32.82 4.10 -4.09
C ARG A 145 31.92 3.60 -2.94
N SER A 146 30.75 3.02 -3.28
CA SER A 146 29.89 2.39 -2.30
C SER A 146 30.48 1.06 -1.87
N THR A 147 30.28 0.72 -0.60
CA THR A 147 30.67 -0.58 -0.07
C THR A 147 29.45 -1.49 0.10
N ALA A 148 28.31 -1.10 -0.43
CA ALA A 148 27.10 -1.94 -0.36
C ALA A 148 27.15 -3.04 -1.43
N ALA A 149 28.04 -4.00 -1.21
CA ALA A 149 28.44 -4.95 -2.23
C ALA A 149 27.31 -5.67 -2.94
N LEU A 150 26.39 -6.20 -2.19
CA LEU A 150 25.29 -6.99 -2.77
C LEU A 150 24.44 -6.12 -3.68
N ALA A 151 24.06 -4.93 -3.22
CA ALA A 151 23.22 -4.04 -4.02
C ALA A 151 23.91 -3.62 -5.28
N ILE A 152 25.19 -3.31 -5.20
CA ILE A 152 25.99 -2.92 -6.40
C ILE A 152 26.08 -4.09 -7.37
N ALA A 153 26.37 -5.27 -6.85
CA ALA A 153 26.44 -6.45 -7.67
C ALA A 153 25.19 -6.62 -8.53
N VAL A 154 24.02 -6.54 -7.87
CA VAL A 154 22.75 -6.69 -8.57
C VAL A 154 22.57 -5.64 -9.66
N ALA A 155 22.79 -4.37 -9.29
CA ALA A 155 22.69 -3.26 -10.22
C ALA A 155 23.59 -3.44 -11.46
N ALA A 156 24.81 -3.88 -11.19
CA ALA A 156 25.77 -4.10 -12.23
C ALA A 156 25.36 -5.27 -13.08
N ALA A 157 25.00 -6.36 -12.45
CA ALA A 157 24.54 -7.55 -13.18
C ALA A 157 23.37 -7.24 -14.14
N ARG A 158 22.40 -6.48 -13.66
CA ARG A 158 21.22 -6.23 -14.47
C ARG A 158 21.43 -5.17 -15.53
N SER A 159 22.54 -4.43 -15.44
CA SER A 159 22.90 -3.39 -16.42
C SER A 159 23.99 -3.82 -17.44
N ALA A 160 24.48 -5.03 -17.29
CA ALA A 160 25.66 -5.49 -18.04
C ALA A 160 25.38 -5.98 -19.46
N LYS A 161 24.16 -5.77 -19.94
CA LYS A 161 23.78 -6.06 -21.32
C LYS A 161 23.91 -7.55 -21.70
N ARG A 162 23.64 -8.41 -20.73
CA ARG A 162 23.49 -9.84 -20.95
C ARG A 162 22.00 -10.29 -21.12
N ASN A 163 21.14 -9.32 -21.34
CA ASN A 163 19.72 -9.55 -21.63
C ASN A 163 19.52 -10.56 -22.78
N PHE A 164 18.33 -11.15 -22.76
CA PHE A 164 17.84 -11.85 -23.94
C PHE A 164 17.74 -10.90 -25.13
N THR A 165 18.10 -11.39 -26.30
CA THR A 165 17.98 -10.63 -27.54
C THR A 165 18.06 -11.56 -28.74
N ALA A 166 17.25 -11.27 -29.75
CA ALA A 166 17.25 -12.00 -31.01
C ALA A 166 17.59 -11.09 -32.19
N LYS A 167 18.03 -9.87 -31.92
CA LYS A 167 18.51 -8.96 -32.97
C LYS A 167 19.66 -9.59 -33.77
N GLU A 168 19.78 -9.18 -35.02
CA GLU A 168 20.99 -9.45 -35.84
C GLU A 168 21.49 -10.91 -35.81
N GLY A 169 20.57 -11.86 -35.86
CA GLY A 169 20.94 -13.28 -35.96
C GLY A 169 21.50 -13.91 -34.70
N LEU A 170 21.41 -13.19 -33.59
CA LEU A 170 21.99 -13.64 -32.28
C LEU A 170 21.29 -14.88 -31.71
N ALA A 171 20.23 -15.34 -32.38
CA ALA A 171 19.64 -16.65 -32.10
C ALA A 171 20.65 -17.79 -32.19
N THR A 172 21.62 -17.64 -33.09
CA THR A 172 22.73 -18.61 -33.27
C THR A 172 23.89 -18.48 -32.24
N ARG A 173 23.94 -17.34 -31.55
CA ARG A 173 24.95 -17.04 -30.52
CA ARG A 173 24.95 -17.05 -30.52
C ARG A 173 24.30 -16.96 -29.12
N GLY A 174 23.49 -17.96 -28.81
CA GLY A 174 22.81 -18.05 -27.52
C GLY A 174 21.88 -16.88 -27.13
N TYR A 175 21.28 -16.18 -28.10
CA TYR A 175 20.34 -15.07 -27.82
C TYR A 175 20.95 -14.07 -26.84
N CYS A 176 22.18 -13.70 -27.12
CA CYS A 176 22.96 -12.86 -26.24
C CYS A 176 23.88 -11.97 -27.07
N ASP A 177 23.85 -10.67 -26.82
CA ASP A 177 24.88 -9.75 -27.34
C ASP A 177 26.02 -9.66 -26.33
N ASN A 178 27.12 -10.34 -26.64
CA ASN A 178 28.26 -10.40 -25.75
C ASN A 178 29.15 -9.21 -25.94
N CYS A 179 28.64 -8.02 -25.67
CA CYS A 179 29.43 -6.85 -25.98
C CYS A 179 30.30 -6.31 -24.85
N VAL A 180 30.09 -6.78 -23.63
CA VAL A 180 30.74 -6.24 -22.44
C VAL A 180 31.21 -7.33 -21.48
N ARG A 181 32.43 -7.17 -20.94
CA ARG A 181 32.92 -7.94 -19.76
C ARG A 181 33.14 -6.88 -18.69
N LEU A 182 32.40 -6.96 -17.58
CA LEU A 182 32.53 -5.94 -16.53
C LEU A 182 33.43 -6.42 -15.43
N THR A 183 34.23 -5.52 -14.91
CA THR A 183 34.89 -5.71 -13.65
C THR A 183 34.43 -4.56 -12.75
N VAL A 184 33.87 -4.94 -11.61
CA VAL A 184 33.43 -3.99 -10.61
C VAL A 184 34.50 -3.89 -9.53
N VAL A 185 34.96 -2.67 -9.27
CA VAL A 185 36.08 -2.46 -8.34
C VAL A 185 35.62 -1.67 -7.12
N PHE A 186 35.52 -2.37 -5.98
CA PHE A 186 35.12 -1.74 -4.72
C PHE A 186 36.31 -1.05 -4.08
N PRO A 187 36.05 -0.12 -3.15
CA PRO A 187 37.14 0.52 -2.46
C PRO A 187 37.99 -0.47 -1.66
N THR A 188 37.35 -1.44 -0.99
CA THR A 188 38.07 -2.50 -0.22
C THR A 188 37.44 -3.83 -0.48
N ALA A 189 38.12 -4.89 -0.09
CA ALA A 189 37.63 -6.25 -0.34
C ALA A 189 36.16 -6.33 0.13
N PRO A 190 35.23 -6.73 -0.77
CA PRO A 190 33.81 -6.64 -0.43
C PRO A 190 33.27 -7.72 0.52
N ASN A 191 32.21 -7.37 1.24
CA ASN A 191 31.35 -8.36 1.92
C ASN A 191 29.92 -8.23 1.37
N PRO A 192 29.34 -9.25 0.71
CA PRO A 192 29.90 -10.57 0.50
C PRO A 192 31.10 -10.62 -0.41
N SER A 193 31.74 -11.78 -0.43
CA SER A 193 32.94 -11.99 -1.20
C SER A 193 32.66 -11.98 -2.73
N PRO A 194 33.72 -11.76 -3.54
CA PRO A 194 33.54 -11.77 -4.97
C PRO A 194 32.94 -13.07 -5.49
N SER A 195 33.32 -14.21 -4.93
CA SER A 195 32.73 -15.43 -5.46
C SER A 195 31.21 -15.49 -5.12
N GLU A 196 30.82 -14.97 -3.98
CA GLU A 196 29.39 -14.92 -3.60
C GLU A 196 28.62 -13.97 -4.51
N LEU A 197 29.17 -12.77 -4.71
CA LEU A 197 28.57 -11.79 -5.61
C LEU A 197 28.42 -12.33 -7.04
N ALA A 198 29.36 -13.16 -7.48
CA ALA A 198 29.30 -13.70 -8.82
C ALA A 198 28.14 -14.68 -8.95
N VAL A 199 27.91 -15.45 -7.91
CA VAL A 199 26.73 -16.36 -7.90
C VAL A 199 25.44 -15.55 -7.96
N VAL A 200 25.36 -14.53 -7.13
CA VAL A 200 24.23 -13.60 -7.15
C VAL A 200 24.00 -12.95 -8.52
N ALA A 201 25.04 -12.35 -9.07
CA ALA A 201 24.98 -11.74 -10.40
C ALA A 201 24.54 -12.72 -11.48
N THR A 202 25.02 -13.96 -11.38
CA THR A 202 24.66 -15.00 -12.34
C THR A 202 23.14 -15.25 -12.28
N SER A 203 22.63 -15.40 -11.07
CA SER A 203 21.18 -15.62 -10.89
C SER A 203 20.35 -14.41 -11.35
N THR A 204 20.82 -13.20 -11.10
CA THR A 204 20.12 -12.02 -11.52
C THR A 204 20.01 -12.04 -13.03
N GLN A 205 21.13 -12.27 -13.69
CA GLN A 205 21.12 -12.30 -15.15
C GLN A 205 20.30 -13.45 -15.74
N LEU A 206 20.35 -14.61 -15.12
CA LEU A 206 19.62 -15.76 -15.65
C LEU A 206 18.13 -15.48 -15.55
N CYS A 207 17.76 -14.84 -14.46
CA CYS A 207 16.37 -14.50 -14.22
C CYS A 207 15.89 -13.51 -15.28
N GLN A 208 16.73 -12.51 -15.53
CA GLN A 208 16.49 -11.49 -16.57
C GLN A 208 16.20 -12.08 -17.96
N ARG A 209 16.99 -13.08 -18.31
CA ARG A 209 16.86 -13.76 -19.61
C ARG A 209 15.62 -14.61 -19.66
N LEU A 210 15.31 -15.30 -18.58
CA LEU A 210 14.11 -16.14 -18.51
C LEU A 210 12.85 -15.30 -18.71
N VAL A 211 12.81 -14.14 -18.07
CA VAL A 211 11.65 -13.29 -18.09
C VAL A 211 11.38 -12.67 -19.47
N ASP A 212 12.42 -12.13 -20.08
CA ASP A 212 12.28 -11.50 -21.39
C ASP A 212 12.34 -12.44 -22.57
N ALA A 213 12.66 -13.71 -22.36
CA ALA A 213 12.47 -14.69 -23.42
C ALA A 213 11.01 -14.78 -23.81
N PRO A 214 10.71 -14.79 -25.12
CA PRO A 214 9.35 -14.95 -25.54
C PRO A 214 8.86 -16.40 -25.36
N THR A 215 7.54 -16.56 -25.36
CA THR A 215 6.93 -17.82 -25.08
C THR A 215 7.17 -18.88 -26.13
N ASN A 216 7.41 -18.46 -27.36
CA ASN A 216 7.83 -19.41 -28.43
C ASN A 216 9.23 -20.07 -28.17
N LEU A 217 9.97 -19.59 -27.16
CA LEU A 217 11.21 -20.24 -26.69
C LEU A 217 11.10 -20.80 -25.29
N LEU A 218 10.55 -19.99 -24.40
CA LEU A 218 10.33 -20.42 -23.01
C LEU A 218 8.87 -20.64 -22.70
N ASN A 219 8.47 -21.90 -22.86
CA ASN A 219 7.13 -22.39 -22.55
C ASN A 219 7.21 -23.32 -21.36
N THR A 220 6.11 -23.99 -21.01
CA THR A 220 6.06 -24.81 -19.79
C THR A 220 7.03 -26.01 -19.86
N ALA A 221 7.21 -26.53 -21.06
CA ALA A 221 8.10 -27.69 -21.24
C ALA A 221 9.58 -27.30 -21.19
N THR A 222 9.91 -26.18 -21.83
CA THR A 222 11.33 -25.78 -21.88
C THR A 222 11.78 -25.20 -20.55
N PHE A 223 10.86 -24.54 -19.83
CA PHE A 223 11.16 -24.09 -18.45
C PHE A 223 11.40 -25.32 -17.54
N ALA A 224 10.51 -26.29 -17.61
CA ALA A 224 10.67 -27.52 -16.85
C ALA A 224 11.98 -28.21 -17.17
N GLU A 225 12.35 -28.18 -18.45
CA GLU A 225 13.58 -28.81 -18.93
CA GLU A 225 13.59 -28.80 -18.95
C GLU A 225 14.82 -28.17 -18.30
N VAL A 226 14.84 -26.83 -18.27
CA VAL A 226 15.89 -26.07 -17.62
C VAL A 226 16.00 -26.46 -16.16
N ALA A 227 14.87 -26.53 -15.47
CA ALA A 227 14.85 -26.87 -14.03
C ALA A 227 15.30 -28.28 -13.73
N GLN A 228 14.90 -29.20 -14.58
CA GLN A 228 15.37 -30.59 -14.52
C GLN A 228 16.88 -30.72 -14.69
N SER A 229 17.44 -29.96 -15.65
CA SER A 229 18.91 -29.96 -15.88
C SER A 229 19.67 -29.41 -14.68
N TYR A 230 19.23 -28.26 -14.16
CA TYR A 230 19.82 -27.70 -12.94
C TYR A 230 19.74 -28.65 -11.79
N ALA A 231 18.60 -29.28 -11.61
CA ALA A 231 18.45 -30.24 -10.52
C ALA A 231 19.53 -31.35 -10.60
N LYS A 232 19.71 -31.93 -11.80
CA LYS A 232 20.72 -32.99 -12.00
C LYS A 232 22.11 -32.45 -11.73
N GLU A 233 22.41 -31.27 -12.27
CA GLU A 233 23.71 -30.61 -12.07
C GLU A 233 23.98 -30.33 -10.60
N LEU A 234 22.97 -29.89 -9.89
CA LEU A 234 23.12 -29.46 -8.49
C LEU A 234 22.98 -30.59 -7.43
N GLY A 235 22.67 -31.81 -7.85
CA GLY A 235 22.35 -32.90 -6.93
C GLY A 235 21.05 -32.77 -6.14
N CYS A 236 20.08 -32.06 -6.71
CA CYS A 236 18.77 -31.82 -6.07
C CYS A 236 17.68 -32.73 -6.61
N ALA A 237 16.79 -33.18 -5.73
CA ALA A 237 15.67 -33.96 -6.22
C ALA A 237 14.67 -33.02 -6.93
N VAL A 238 13.97 -33.57 -7.90
CA VAL A 238 13.01 -32.81 -8.66
C VAL A 238 11.82 -33.70 -8.98
N ASP A 239 10.64 -33.12 -8.87
CA ASP A 239 9.39 -33.85 -9.02
C ASP A 239 8.58 -33.07 -10.05
N VAL A 240 8.04 -33.76 -11.04
CA VAL A 240 7.22 -33.12 -12.06
C VAL A 240 5.87 -33.80 -12.15
N ILE A 241 4.82 -33.03 -11.93
CA ILE A 241 3.45 -33.48 -12.17
C ILE A 241 2.95 -32.72 -13.39
N CYS A 242 2.74 -33.44 -14.50
CA CYS A 242 2.46 -32.85 -15.81
C CYS A 242 1.09 -33.28 -16.33
N GLY A 243 0.37 -32.32 -16.90
CA GLY A 243 -0.80 -32.59 -17.75
C GLY A 243 -1.92 -33.32 -17.05
N GLU A 244 -2.29 -34.46 -17.61
CA GLU A 244 -3.39 -35.31 -17.08
C GLU A 244 -3.11 -35.82 -15.66
N GLU A 245 -1.84 -35.99 -15.30
CA GLU A 245 -1.52 -36.36 -13.92
C GLU A 245 -2.01 -35.25 -12.97
N LEU A 246 -1.98 -33.98 -13.40
CA LEU A 246 -2.50 -32.88 -12.56
C LEU A 246 -4.02 -33.02 -12.37
N ARG A 247 -4.73 -33.31 -13.45
CA ARG A 247 -6.17 -33.52 -13.38
C ARG A 247 -6.48 -34.73 -12.49
N GLU A 248 -5.88 -35.88 -12.83
CA GLU A 248 -6.13 -37.14 -12.10
C GLU A 248 -5.84 -37.03 -10.61
N ARG A 249 -4.84 -36.24 -10.23
CA ARG A 249 -4.47 -36.07 -8.82
C ARG A 249 -5.15 -34.87 -8.10
N GLY A 250 -6.14 -34.25 -8.74
CA GLY A 250 -6.93 -33.20 -8.04
C GLY A 250 -6.38 -31.78 -8.03
N TYR A 251 -5.34 -31.52 -8.83
CA TYR A 251 -4.76 -30.17 -8.94
C TYR A 251 -5.56 -29.38 -10.00
N GLY A 252 -6.85 -29.18 -9.71
CA GLY A 252 -7.79 -28.56 -10.66
C GLY A 252 -7.59 -27.07 -10.94
N GLY A 253 -6.88 -26.38 -10.08
CA GLY A 253 -6.54 -24.98 -10.36
C GLY A 253 -5.58 -24.86 -11.55
N ILE A 254 -4.38 -25.36 -11.34
CA ILE A 254 -3.33 -25.27 -12.34
C ILE A 254 -3.70 -26.05 -13.57
N TYR A 255 -4.37 -27.20 -13.42
CA TYR A 255 -4.78 -27.97 -14.60
C TYR A 255 -5.73 -27.20 -15.47
N SER A 256 -6.79 -26.66 -14.88
CA SER A 256 -7.82 -25.93 -15.66
C SER A 256 -7.30 -24.68 -16.36
N VAL A 257 -6.46 -23.94 -15.65
CA VAL A 257 -5.87 -22.70 -16.19
C VAL A 257 -5.08 -23.06 -17.44
N GLY A 258 -4.33 -24.14 -17.36
CA GLY A 258 -3.39 -24.50 -18.42
C GLY A 258 -3.80 -25.50 -19.48
N LYS A 259 -4.96 -26.13 -19.33
CA LYS A 259 -5.36 -27.31 -20.19
C LYS A 259 -5.57 -26.98 -21.66
N CYS A 260 -5.88 -25.72 -21.94
CA CYS A 260 -6.18 -25.24 -23.30
C CYS A 260 -4.92 -25.06 -24.15
N ALA A 261 -3.79 -24.81 -23.50
CA ALA A 261 -2.52 -24.48 -24.18
C ALA A 261 -1.95 -25.67 -24.96
N VAL A 262 -1.09 -25.38 -25.94
CA VAL A 262 -0.42 -26.45 -26.76
C VAL A 262 0.55 -27.28 -25.92
N GLU A 263 1.27 -26.62 -25.02
CA GLU A 263 2.13 -27.32 -24.04
C GLU A 263 1.48 -27.41 -22.65
N ALA A 264 1.46 -28.62 -22.12
CA ALA A 264 0.68 -28.94 -20.93
C ALA A 264 1.19 -28.25 -19.69
N PRO A 265 0.28 -27.99 -18.73
CA PRO A 265 0.72 -27.39 -17.47
C PRO A 265 1.51 -28.40 -16.66
N ARG A 266 2.30 -27.91 -15.73
CA ARG A 266 3.23 -28.70 -14.93
C ARG A 266 3.49 -28.03 -13.58
N LEU A 267 3.56 -28.86 -12.54
CA LEU A 267 4.00 -28.44 -11.24
C LEU A 267 5.37 -29.07 -11.04
N VAL A 268 6.38 -28.22 -10.93
CA VAL A 268 7.77 -28.69 -10.86
C VAL A 268 8.30 -28.30 -9.53
N THR A 269 8.72 -29.29 -8.75
CA THR A 269 9.23 -28.99 -7.41
C THR A 269 10.66 -29.50 -7.21
N LEU A 270 11.57 -28.60 -6.89
CA LEU A 270 12.95 -28.96 -6.53
C LEU A 270 13.12 -28.99 -5.03
N SER A 271 14.03 -29.84 -4.54
CA SER A 271 14.36 -29.96 -3.09
C SER A 271 15.84 -29.92 -2.82
N TYR A 272 16.20 -29.31 -1.70
CA TYR A 272 17.58 -29.23 -1.24
C TYR A 272 17.56 -29.47 0.26
N LYS A 273 18.28 -30.50 0.70
CA LYS A 273 18.56 -30.74 2.15
C LYS A 273 20.07 -30.49 2.32
N PRO A 274 20.46 -29.46 3.08
CA PRO A 274 21.89 -29.18 3.20
C PRO A 274 22.65 -30.33 3.87
N LYS A 275 23.97 -30.37 3.62
CA LYS A 275 24.88 -31.41 4.16
C LYS A 275 24.78 -31.52 5.70
N ASP A 276 24.99 -30.37 6.36
CA ASP A 276 25.00 -30.26 7.84
C ASP A 276 24.12 -29.11 8.36
N GLU A 277 22.95 -29.47 8.91
CA GLU A 277 21.93 -28.50 9.32
C GLU A 277 20.73 -29.16 10.10
N THR A 278 19.64 -28.43 10.38
CA THR A 278 19.09 -27.40 9.52
C THR A 278 18.54 -26.22 10.33
N ARG A 279 18.86 -25.00 9.90
CA ARG A 279 18.58 -23.76 10.65
C ARG A 279 17.11 -23.28 10.52
N LYS A 280 16.53 -23.50 9.35
CA LYS A 280 15.11 -23.27 9.10
C LYS A 280 14.67 -24.14 7.91
N LYS A 281 13.37 -24.22 7.73
CA LYS A 281 12.81 -24.93 6.58
C LYS A 281 11.91 -23.97 5.83
N VAL A 282 12.17 -23.81 4.53
CA VAL A 282 11.48 -22.79 3.71
C VAL A 282 10.96 -23.39 2.43
N ALA A 283 9.68 -23.16 2.16
CA ALA A 283 9.08 -23.51 0.88
C ALA A 283 8.90 -22.25 0.00
N LEU A 284 9.38 -22.34 -1.22
CA LEU A 284 9.19 -21.28 -2.21
C LEU A 284 8.20 -21.71 -3.25
N VAL A 285 7.33 -20.80 -3.68
CA VAL A 285 6.31 -21.12 -4.67
C VAL A 285 6.21 -19.99 -5.64
N GLY A 286 6.24 -20.31 -6.92
CA GLY A 286 6.31 -19.27 -7.93
C GLY A 286 5.36 -19.43 -9.09
N LYS A 287 4.76 -18.30 -9.48
CA LYS A 287 3.83 -18.18 -10.59
C LYS A 287 4.55 -18.22 -11.92
N GLY A 288 4.38 -19.33 -12.64
CA GLY A 288 5.07 -19.56 -13.88
C GLY A 288 4.13 -19.55 -15.05
N ILE A 289 3.44 -18.43 -15.22
CA ILE A 289 2.53 -18.29 -16.35
C ILE A 289 3.39 -17.77 -17.53
N VAL A 290 3.73 -18.70 -18.41
CA VAL A 290 4.71 -18.47 -19.47
C VAL A 290 4.15 -17.55 -20.55
N TYR A 291 2.84 -17.56 -20.68
CA TYR A 291 2.13 -16.47 -21.35
C TYR A 291 0.72 -16.34 -20.80
N ASP A 292 0.28 -15.09 -20.65
CA ASP A 292 -1.10 -14.78 -20.19
C ASP A 292 -1.87 -14.02 -21.26
N SER A 293 -2.65 -14.76 -22.05
CA SER A 293 -3.61 -14.14 -23.01
C SER A 293 -4.81 -13.45 -22.31
N GLY A 294 -5.07 -13.85 -21.07
CA GLY A 294 -6.31 -13.53 -20.35
C GLY A 294 -7.28 -14.73 -20.28
N GLY A 295 -7.05 -15.72 -21.15
CA GLY A 295 -8.09 -16.72 -21.46
C GLY A 295 -9.34 -16.07 -22.07
N LEU A 296 -10.52 -16.61 -21.78
CA LEU A 296 -11.77 -16.07 -22.31
C LEU A 296 -12.01 -14.57 -21.87
N SER A 297 -11.49 -14.22 -20.70
CA SER A 297 -11.34 -12.83 -20.28
C SER A 297 -10.11 -12.19 -20.97
N LEU A 298 -10.18 -12.16 -22.30
CA LEU A 298 -9.04 -11.84 -23.15
C LEU A 298 -8.58 -10.41 -22.89
N LYS A 299 -7.27 -10.26 -22.69
CA LYS A 299 -6.70 -8.95 -22.50
C LYS A 299 -6.73 -8.15 -23.82
N PRO A 300 -6.98 -6.82 -23.75
CA PRO A 300 -6.70 -6.00 -24.92
C PRO A 300 -5.17 -5.97 -25.22
N THR A 301 -4.83 -5.69 -26.49
CA THR A 301 -3.44 -5.70 -26.96
C THR A 301 -2.45 -5.00 -26.06
N ASN A 302 -2.77 -3.77 -25.62
CA ASN A 302 -1.82 -2.98 -24.84
C ASN A 302 -1.64 -3.49 -23.39
N PHE A 303 -2.57 -4.32 -22.92
CA PHE A 303 -2.38 -5.11 -21.68
C PHE A 303 -1.86 -6.53 -21.90
N MET A 304 -1.95 -7.04 -23.13
CA MET A 304 -1.37 -8.34 -23.46
C MET A 304 0.15 -8.31 -23.77
N THR A 305 0.64 -7.19 -24.30
CA THR A 305 2.08 -7.05 -24.52
C THR A 305 2.83 -7.08 -23.14
N GLY A 306 3.98 -7.74 -23.14
CA GLY A 306 4.74 -7.97 -21.92
C GLY A 306 4.31 -9.16 -21.08
N MET A 307 3.27 -9.88 -21.47
CA MET A 307 2.77 -11.02 -20.67
C MET A 307 3.63 -12.29 -20.82
N LYS A 308 4.64 -12.28 -21.70
CA LYS A 308 5.75 -13.25 -21.58
C LYS A 308 6.43 -13.22 -20.17
N ARG A 309 6.34 -12.05 -19.52
CA ARG A 309 6.87 -11.83 -18.17
C ARG A 309 6.01 -12.37 -17.04
N ASP A 310 4.84 -12.93 -17.35
CA ASP A 310 3.95 -13.43 -16.29
C ASP A 310 4.53 -14.68 -15.59
N MET A 311 5.71 -15.13 -16.05
CA MET A 311 6.46 -16.19 -15.35
C MET A 311 7.60 -15.68 -14.44
N GLY A 312 7.58 -14.38 -14.16
CA GLY A 312 8.63 -13.72 -13.41
C GLY A 312 8.82 -14.27 -12.00
N GLY A 313 7.71 -14.63 -11.36
CA GLY A 313 7.73 -15.14 -9.99
C GLY A 313 8.38 -16.50 -9.95
N ALA A 314 8.12 -17.31 -10.98
CA ALA A 314 8.73 -18.64 -11.08
C ALA A 314 10.26 -18.50 -11.33
N ALA A 315 10.61 -17.54 -12.17
CA ALA A 315 12.03 -17.29 -12.46
C ALA A 315 12.75 -16.81 -11.19
N ALA A 316 12.08 -15.96 -10.42
CA ALA A 316 12.62 -15.46 -9.16
C ALA A 316 12.91 -16.55 -8.16
N VAL A 317 11.92 -17.35 -7.86
CA VAL A 317 12.11 -18.43 -6.86
C VAL A 317 13.09 -19.48 -7.38
N PHE A 318 13.05 -19.74 -8.67
CA PHE A 318 13.97 -20.70 -9.24
C PHE A 318 15.42 -20.23 -9.13
N CYS A 319 15.64 -18.95 -9.42
CA CYS A 319 17.01 -18.42 -9.40
C CYS A 319 17.49 -18.17 -7.97
N GLY A 320 16.58 -17.87 -7.07
CA GLY A 320 16.89 -17.77 -5.63
C GLY A 320 17.32 -19.11 -5.06
N PHE A 321 16.57 -20.14 -5.41
CA PHE A 321 16.86 -21.52 -5.02
C PHE A 321 18.26 -21.86 -5.51
N LEU A 322 18.47 -21.64 -6.79
CA LEU A 322 19.76 -21.84 -7.44
C LEU A 322 20.94 -21.22 -6.68
N THR A 323 20.78 -19.96 -6.29
CA THR A 323 21.77 -19.29 -5.51
C THR A 323 21.98 -19.94 -4.13
N ALA A 324 20.89 -20.33 -3.48
CA ALA A 324 20.96 -20.94 -2.16
C ALA A 324 21.72 -22.27 -2.21
N VAL A 325 21.44 -23.10 -3.19
CA VAL A 325 22.15 -24.37 -3.33
C VAL A 325 23.65 -24.06 -3.59
N ARG A 326 23.92 -23.10 -4.47
CA ARG A 326 25.30 -22.83 -4.92
C ARG A 326 26.16 -22.27 -3.81
N LEU A 327 25.57 -21.44 -2.94
CA LEU A 327 26.21 -20.91 -1.72
C LEU A 327 26.09 -21.85 -0.50
N GLN A 328 25.51 -23.02 -0.72
CA GLN A 328 25.43 -24.08 0.29
C GLN A 328 24.82 -23.54 1.58
N MET A 329 23.76 -22.75 1.46
CA MET A 329 23.10 -22.18 2.63
C MET A 329 22.53 -23.30 3.55
N PRO A 330 22.62 -23.13 4.87
CA PRO A 330 22.14 -24.11 5.85
C PRO A 330 20.63 -24.08 6.09
N ILE A 331 19.87 -24.26 5.02
CA ILE A 331 18.39 -24.19 5.05
CA ILE A 331 18.40 -24.22 5.08
C ILE A 331 17.82 -25.25 4.14
N GLU A 332 16.88 -26.03 4.64
CA GLU A 332 16.18 -27.00 3.82
C GLU A 332 15.16 -26.22 2.98
N LEU A 333 15.13 -26.50 1.69
CA LEU A 333 14.38 -25.71 0.73
C LEU A 333 13.60 -26.57 -0.21
N SER A 334 12.35 -26.21 -0.43
CA SER A 334 11.64 -26.68 -1.63
C SER A 334 11.35 -25.49 -2.51
N CYS A 335 11.32 -25.74 -3.80
CA CYS A 335 10.98 -24.74 -4.78
C CYS A 335 9.97 -25.33 -5.74
N THR A 336 8.74 -24.80 -5.71
CA THR A 336 7.65 -25.28 -6.58
C THR A 336 7.34 -24.24 -7.65
N LEU A 337 7.53 -24.64 -8.91
CA LEU A 337 7.19 -23.77 -10.04
C LEU A 337 5.83 -24.17 -10.58
N CYS A 338 4.95 -23.18 -10.64
CA CYS A 338 3.57 -23.41 -11.11
C CYS A 338 3.46 -22.98 -12.57
N LEU A 339 3.65 -23.94 -13.47
CA LEU A 339 3.84 -23.67 -14.86
C LEU A 339 2.60 -23.95 -15.67
N ALA A 340 2.13 -22.91 -16.36
CA ALA A 340 0.98 -23.00 -17.26
C ALA A 340 1.03 -21.90 -18.28
N GLU A 341 0.44 -22.14 -19.44
CA GLU A 341 0.08 -21.05 -20.32
C GLU A 341 -1.44 -20.85 -20.25
N ASN A 342 -1.87 -19.60 -20.00
CA ASN A 342 -3.28 -19.21 -19.96
C ASN A 342 -3.73 -18.91 -21.38
N ALA A 343 -4.25 -19.91 -22.06
CA ALA A 343 -4.58 -19.79 -23.48
C ALA A 343 -6.09 -19.57 -23.68
N ILE A 344 -6.46 -19.25 -24.91
CA ILE A 344 -7.87 -19.10 -25.32
C ILE A 344 -8.17 -20.07 -26.46
N GLY A 345 -9.36 -20.66 -26.39
CA GLY A 345 -9.78 -21.66 -27.35
C GLY A 345 -11.01 -22.38 -26.83
N PRO A 346 -11.48 -23.40 -27.59
CA PRO A 346 -12.64 -24.23 -27.22
C PRO A 346 -12.50 -24.86 -25.83
N ASP A 347 -11.29 -25.29 -25.50
CA ASP A 347 -10.98 -25.95 -24.22
C ASP A 347 -10.70 -25.05 -23.02
N ALA A 348 -10.82 -23.74 -23.21
CA ALA A 348 -10.46 -22.80 -22.16
C ALA A 348 -11.43 -22.87 -20.99
N TYR A 349 -10.89 -22.86 -19.78
CA TYR A 349 -11.75 -22.78 -18.58
C TYR A 349 -12.62 -21.50 -18.66
N ARG A 350 -13.87 -21.62 -18.22
CA ARG A 350 -14.86 -20.60 -18.51
C ARG A 350 -15.15 -19.73 -17.32
N ASN A 351 -15.59 -18.52 -17.60
CA ASN A 351 -16.20 -17.63 -16.60
C ASN A 351 -17.56 -18.23 -16.22
N ASP A 352 -17.59 -18.95 -15.08
CA ASP A 352 -18.76 -19.69 -14.51
C ASP A 352 -18.38 -21.12 -14.17
N ASP A 353 -17.37 -21.69 -14.82
CA ASP A 353 -16.90 -23.03 -14.42
C ASP A 353 -16.56 -23.08 -12.92
N ILE A 354 -16.76 -24.25 -12.32
CA ILE A 354 -16.42 -24.48 -10.94
C ILE A 354 -15.31 -25.52 -10.86
N LEU A 355 -14.20 -25.11 -10.26
CA LEU A 355 -13.00 -25.91 -10.14
C LEU A 355 -12.83 -26.44 -8.72
N THR A 356 -12.21 -27.61 -8.59
CA THR A 356 -11.86 -28.14 -7.27
C THR A 356 -10.32 -28.14 -7.19
N LEU A 357 -9.80 -27.16 -6.47
CA LEU A 357 -8.34 -27.11 -6.22
C LEU A 357 -7.89 -28.30 -5.34
N LYS A 358 -6.58 -28.50 -5.29
CA LYS A 358 -5.98 -29.62 -4.55
C LYS A 358 -6.34 -29.56 -3.07
N SER A 359 -6.58 -28.35 -2.59
CA SER A 359 -7.01 -28.09 -1.22
C SER A 359 -8.40 -28.66 -0.90
N GLY A 360 -9.15 -29.05 -1.93
CA GLY A 360 -10.52 -29.53 -1.77
C GLY A 360 -11.56 -28.42 -1.86
N LYS A 361 -11.11 -27.17 -1.84
CA LYS A 361 -12.01 -26.05 -1.92
C LYS A 361 -12.44 -25.79 -3.34
N THR A 362 -13.72 -25.47 -3.50
CA THR A 362 -14.29 -25.20 -4.81
C THR A 362 -14.17 -23.71 -5.13
N VAL A 363 -13.91 -23.40 -6.40
CA VAL A 363 -13.76 -22.05 -6.88
C VAL A 363 -14.61 -21.81 -8.11
N GLU A 364 -15.52 -20.83 -8.01
CA GLU A 364 -16.31 -20.37 -9.14
C GLU A 364 -15.49 -19.33 -9.87
N VAL A 365 -15.15 -19.60 -11.11
CA VAL A 365 -14.34 -18.64 -11.89
C VAL A 365 -15.22 -17.50 -12.37
N ASN A 366 -14.98 -16.30 -11.87
CA ASN A 366 -15.61 -15.09 -12.43
C ASN A 366 -14.66 -14.16 -13.21
N ASN A 367 -13.39 -14.51 -13.33
CA ASN A 367 -12.48 -13.84 -14.28
C ASN A 367 -11.37 -14.80 -14.64
N THR A 368 -11.32 -15.24 -15.88
CA THR A 368 -10.28 -16.21 -16.27
C THR A 368 -8.88 -15.57 -16.31
N ASP A 369 -8.82 -14.23 -16.31
CA ASP A 369 -7.54 -13.51 -16.30
C ASP A 369 -6.93 -13.29 -14.88
N ALA A 370 -7.73 -13.65 -13.87
CA ALA A 370 -7.22 -13.87 -12.50
C ALA A 370 -6.77 -15.32 -12.29
N GLU A 371 -5.84 -15.76 -13.16
CA GLU A 371 -5.43 -17.18 -13.24
C GLU A 371 -4.21 -17.49 -12.35
N GLY A 372 -3.37 -16.50 -12.09
CA GLY A 372 -2.15 -16.73 -11.33
C GLY A 372 -2.44 -17.22 -9.90
N ARG A 373 -3.43 -16.62 -9.25
CA ARG A 373 -3.81 -17.08 -7.91
C ARG A 373 -4.34 -18.51 -7.90
N LEU A 374 -4.93 -18.98 -9.00
CA LEU A 374 -5.36 -20.37 -9.10
C LEU A 374 -4.19 -21.34 -9.13
N VAL A 375 -3.20 -21.07 -9.96
CA VAL A 375 -2.03 -21.94 -10.03
C VAL A 375 -1.22 -21.90 -8.70
N LEU A 376 -1.15 -20.73 -8.09
CA LEU A 376 -0.50 -20.56 -6.79
C LEU A 376 -1.25 -21.31 -5.66
N GLY A 377 -2.57 -21.24 -5.70
CA GLY A 377 -3.40 -21.95 -4.73
C GLY A 377 -3.04 -23.43 -4.71
N ASP A 378 -2.94 -24.04 -5.89
CA ASP A 378 -2.50 -25.44 -5.97
C ASP A 378 -1.03 -25.57 -5.49
N GLY A 379 -0.19 -24.62 -5.86
CA GLY A 379 1.20 -24.62 -5.47
C GLY A 379 1.46 -24.55 -3.98
N VAL A 380 0.79 -23.62 -3.30
CA VAL A 380 1.00 -23.42 -1.86
C VAL A 380 0.41 -24.58 -1.06
N PHE A 381 -0.72 -25.14 -1.54
CA PHE A 381 -1.25 -26.35 -0.91
C PHE A 381 -0.27 -27.53 -1.06
N HIS A 382 0.23 -27.72 -2.27
CA HIS A 382 1.26 -28.72 -2.52
C HIS A 382 2.46 -28.53 -1.54
N ALA A 383 2.90 -27.29 -1.37
CA ALA A 383 4.09 -27.02 -0.53
C ALA A 383 3.84 -27.23 0.95
N THR A 384 2.59 -27.07 1.36
CA THR A 384 2.22 -27.13 2.79
C THR A 384 1.55 -28.43 3.20
N HIS A 385 1.32 -29.33 2.26
CA HIS A 385 0.58 -30.55 2.55
C HIS A 385 0.96 -31.83 1.78
N GLU A 386 1.73 -31.70 0.70
CA GLU A 386 1.97 -32.80 -0.20
C GLU A 386 3.44 -33.17 -0.37
N ILE A 387 4.36 -32.47 0.28
CA ILE A 387 5.79 -32.66 0.12
C ILE A 387 6.37 -33.27 1.40
N SER A 388 7.65 -33.64 1.35
CA SER A 388 8.32 -34.41 2.41
C SER A 388 8.56 -33.66 3.73
N PHE A 389 8.52 -32.33 3.74
CA PHE A 389 8.69 -31.59 5.00
C PHE A 389 7.70 -30.46 5.26
N LYS A 390 7.73 -29.97 6.49
CA LYS A 390 6.81 -28.97 6.98
C LYS A 390 7.49 -27.60 7.08
N PRO A 391 7.24 -26.72 6.12
CA PRO A 391 8.01 -25.49 6.13
C PRO A 391 7.64 -24.60 7.29
N ASP A 392 8.62 -23.89 7.82
CA ASP A 392 8.43 -22.85 8.80
C ASP A 392 7.94 -21.58 8.15
N VAL A 393 8.38 -21.35 6.91
CA VAL A 393 8.07 -20.12 6.16
C VAL A 393 7.68 -20.54 4.76
N LEU A 394 6.60 -19.97 4.24
CA LEU A 394 6.28 -20.12 2.83
C LEU A 394 6.37 -18.76 2.17
N VAL A 395 7.15 -18.68 1.09
CA VAL A 395 7.26 -17.47 0.29
C VAL A 395 6.74 -17.78 -1.10
N ASP A 396 5.73 -17.05 -1.53
CA ASP A 396 5.26 -17.17 -2.87
C ASP A 396 5.53 -15.87 -3.58
N MET A 397 5.98 -15.99 -4.81
CA MET A 397 6.32 -14.82 -5.61
C MET A 397 5.57 -14.85 -6.92
N ALA A 398 5.08 -13.71 -7.32
CA ALA A 398 4.29 -13.60 -8.55
C ALA A 398 4.17 -12.20 -9.08
N THR A 399 4.04 -12.14 -10.40
CA THR A 399 3.60 -10.94 -11.10
C THR A 399 2.05 -10.96 -11.14
N LEU A 400 1.42 -10.52 -10.06
CA LEU A 400 -0.03 -10.74 -9.86
C LEU A 400 -1.03 -9.71 -10.34
N THR A 401 -0.84 -8.46 -9.96
CA THR A 401 -1.87 -7.44 -10.18
C THR A 401 -1.30 -6.14 -10.75
N GLY A 402 -2.04 -5.50 -11.67
CA GLY A 402 -1.80 -4.12 -12.09
C GLY A 402 -1.89 -3.17 -10.89
N ALA A 403 -2.79 -3.50 -9.98
CA ALA A 403 -2.99 -2.74 -8.75
C ALA A 403 -1.69 -2.59 -7.94
N GLN A 404 -0.82 -3.60 -8.02
CA GLN A 404 0.47 -3.53 -7.33
C GLN A 404 1.23 -2.25 -7.62
N GLY A 405 1.23 -1.84 -8.88
CA GLY A 405 1.89 -0.63 -9.30
C GLY A 405 1.21 0.60 -8.74
N ILE A 406 -0.11 0.60 -8.79
CA ILE A 406 -0.91 1.68 -8.21
C ILE A 406 -0.61 1.85 -6.73
N ALA A 407 -0.44 0.74 -6.04
CA ALA A 407 -0.31 0.78 -4.58
C ALA A 407 1.11 1.10 -4.09
N THR A 408 2.06 0.26 -4.53
CA THR A 408 3.48 0.35 -4.08
C THR A 408 4.49 0.78 -5.17
N GLY A 409 4.05 0.97 -6.41
CA GLY A 409 4.91 1.54 -7.48
C GLY A 409 5.78 0.59 -8.28
N HIS A 410 6.58 1.17 -9.17
CA HIS A 410 7.43 0.40 -10.09
C HIS A 410 8.63 -0.30 -9.47
N ARG A 411 9.16 0.24 -8.38
CA ARG A 411 10.41 -0.27 -7.80
C ARG A 411 10.29 -0.95 -6.43
N HIS A 412 9.08 -1.03 -5.91
CA HIS A 412 8.82 -1.73 -4.66
C HIS A 412 7.77 -2.81 -4.88
N ALA A 413 8.16 -4.07 -4.74
CA ALA A 413 7.20 -5.13 -4.78
C ALA A 413 6.28 -5.03 -3.55
N GLY A 414 5.00 -5.32 -3.75
CA GLY A 414 4.03 -5.33 -2.67
C GLY A 414 4.06 -6.65 -1.92
N ILE A 415 4.17 -6.57 -0.59
CA ILE A 415 4.20 -7.76 0.22
C ILE A 415 3.05 -7.89 1.26
N PHE A 416 2.40 -9.04 1.19
CA PHE A 416 1.25 -9.38 1.99
C PHE A 416 1.79 -10.43 2.93
N VAL A 417 1.91 -10.12 4.21
CA VAL A 417 2.61 -11.02 5.11
C VAL A 417 1.80 -11.23 6.39
N ASN A 418 1.68 -12.47 6.83
CA ASN A 418 0.84 -12.78 8.01
C ASN A 418 1.54 -12.64 9.38
N ASP A 419 2.77 -12.15 9.40
CA ASP A 419 3.57 -12.01 10.62
C ASP A 419 4.41 -10.73 10.52
N GLU A 420 4.29 -9.87 11.52
CA GLU A 420 4.95 -8.55 11.54
C GLU A 420 6.47 -8.66 11.50
N GLU A 421 7.03 -9.57 12.27
CA GLU A 421 8.48 -9.67 12.40
C GLU A 421 9.10 -10.10 11.07
N GLU A 422 8.51 -11.11 10.48
CA GLU A 422 8.99 -11.69 9.25
C GLU A 422 8.85 -10.70 8.06
N GLU A 423 7.80 -9.88 8.13
CA GLU A 423 7.63 -8.77 7.18
C GLU A 423 8.78 -7.79 7.29
N LEU A 424 9.13 -7.39 8.51
CA LEU A 424 10.26 -6.46 8.71
C LEU A 424 11.60 -7.06 8.22
N SER A 425 11.75 -8.34 8.52
CA SER A 425 12.94 -9.06 8.13
C SER A 425 13.07 -9.08 6.60
N PHE A 426 11.94 -9.31 5.93
CA PHE A 426 11.89 -9.32 4.47
C PHE A 426 12.15 -7.92 3.88
N LEU A 427 11.51 -6.90 4.42
CA LEU A 427 11.81 -5.52 4.00
C LEU A 427 13.31 -5.15 4.11
N LYS A 428 13.92 -5.58 5.21
CA LYS A 428 15.37 -5.42 5.42
C LYS A 428 16.23 -6.08 4.31
N ALA A 429 15.84 -7.27 3.88
CA ALA A 429 16.48 -7.97 2.78
C ALA A 429 16.29 -7.20 1.46
N GLY A 430 15.11 -6.60 1.29
CA GLY A 430 14.84 -5.73 0.17
C GLY A 430 15.76 -4.54 0.09
N ARG A 431 16.02 -3.93 1.24
CA ARG A 431 16.89 -2.74 1.29
C ARG A 431 18.37 -3.05 1.10
N ALA A 432 18.80 -4.21 1.58
CA ALA A 432 20.21 -4.62 1.46
C ALA A 432 20.50 -5.08 0.04
N SER A 433 19.53 -5.73 -0.57
CA SER A 433 19.68 -6.26 -1.92
C SER A 433 19.45 -5.23 -3.00
N GLY A 434 18.87 -4.09 -2.64
CA GLY A 434 18.35 -3.14 -3.62
C GLY A 434 17.04 -3.55 -4.32
N GLU A 435 16.60 -4.78 -4.13
CA GLU A 435 15.36 -5.31 -4.73
C GLU A 435 14.22 -5.06 -3.70
N THR A 436 13.83 -3.79 -3.63
CA THR A 436 13.05 -3.25 -2.51
C THR A 436 11.56 -3.70 -2.56
N CYS A 437 10.98 -3.81 -1.37
CA CYS A 437 9.57 -4.14 -1.16
C CYS A 437 8.86 -3.09 -0.30
N PHE A 438 7.54 -3.21 -0.26
CA PHE A 438 6.74 -2.46 0.69
C PHE A 438 5.46 -3.21 1.02
N PRO A 439 4.97 -3.08 2.29
CA PRO A 439 3.79 -3.83 2.71
C PRO A 439 2.50 -3.35 2.05
N VAL A 440 1.66 -4.31 1.70
CA VAL A 440 0.24 -4.05 1.51
C VAL A 440 -0.54 -4.58 2.70
N LEU A 441 -1.73 -4.02 2.89
CA LEU A 441 -2.59 -4.32 4.05
C LEU A 441 -2.78 -5.83 4.26
N TYR A 442 -2.52 -6.27 5.48
CA TYR A 442 -2.86 -7.64 5.89
C TYR A 442 -4.05 -7.59 6.86
N CYS A 443 -5.20 -8.03 6.34
CA CYS A 443 -6.47 -7.97 7.06
C CYS A 443 -7.42 -8.98 6.46
N PRO A 444 -7.14 -10.29 6.67
CA PRO A 444 -7.97 -11.39 6.12
C PRO A 444 -9.47 -11.23 6.30
N GLU A 445 -9.88 -10.66 7.43
CA GLU A 445 -11.30 -10.48 7.74
C GLU A 445 -12.01 -9.56 6.74
N TYR A 446 -11.29 -8.60 6.18
CA TYR A 446 -11.86 -7.75 5.13
C TYR A 446 -11.71 -8.32 3.71
N HIS A 447 -10.65 -9.10 3.47
CA HIS A 447 -10.40 -9.62 2.10
C HIS A 447 -11.33 -10.77 1.73
N VAL A 448 -11.56 -11.68 2.65
CA VAL A 448 -12.33 -12.92 2.34
C VAL A 448 -13.72 -12.68 1.78
N THR A 449 -14.36 -11.59 2.19
CA THR A 449 -15.70 -11.21 1.74
C THR A 449 -15.80 -10.79 0.26
N GLU A 450 -14.68 -10.39 -0.32
CA GLU A 450 -14.61 -10.04 -1.73
C GLU A 450 -14.75 -11.23 -2.67
N PHE A 451 -14.61 -12.45 -2.14
CA PHE A 451 -14.74 -13.65 -2.95
C PHE A 451 -15.95 -14.52 -2.61
N ARG A 452 -17.00 -13.94 -2.03
CA ARG A 452 -18.28 -14.65 -1.79
C ARG A 452 -18.80 -15.24 -3.12
N SER A 453 -19.21 -16.53 -3.09
CA SER A 453 -19.85 -17.20 -4.21
C SER A 453 -21.21 -17.75 -3.76
N PRO A 454 -22.25 -17.68 -4.61
CA PRO A 454 -23.49 -18.38 -4.27
C PRO A 454 -23.46 -19.89 -4.61
N VAL A 455 -22.43 -20.37 -5.29
CA VAL A 455 -22.38 -21.79 -5.73
C VAL A 455 -21.10 -22.56 -5.44
N ALA A 456 -20.11 -21.91 -4.88
CA ALA A 456 -18.83 -22.59 -4.58
C ALA A 456 -18.28 -21.99 -3.32
N ASP A 457 -17.18 -22.55 -2.82
CA ASP A 457 -16.57 -21.98 -1.60
C ASP A 457 -16.13 -20.52 -1.76
N MET A 458 -15.71 -20.17 -2.95
CA MET A 458 -15.24 -18.83 -3.28
C MET A 458 -15.23 -18.55 -4.82
N ARG A 459 -15.24 -17.26 -5.15
CA ARG A 459 -14.90 -16.82 -6.48
C ARG A 459 -13.41 -16.54 -6.49
N ASN A 460 -12.85 -16.34 -7.69
CA ASN A 460 -11.41 -16.00 -7.87
C ASN A 460 -11.12 -14.51 -8.11
N SER A 461 -12.12 -13.74 -8.44
CA SER A 461 -11.91 -12.32 -8.71
C SER A 461 -12.79 -11.46 -7.83
N VAL A 462 -12.21 -10.38 -7.34
CA VAL A 462 -12.90 -9.50 -6.38
C VAL A 462 -14.21 -8.92 -6.92
N LYS A 463 -15.19 -8.79 -6.05
CA LYS A 463 -16.46 -8.11 -6.35
C LYS A 463 -16.22 -6.60 -6.59
N GLN A 464 -15.43 -6.00 -5.73
CA GLN A 464 -15.04 -4.59 -5.85
C GLN A 464 -13.54 -4.49 -6.09
N VAL A 465 -13.18 -3.71 -7.09
CA VAL A 465 -11.77 -3.51 -7.47
C VAL A 465 -11.06 -2.45 -6.61
N ASN A 466 -11.84 -1.67 -5.89
CA ASN A 466 -11.28 -0.57 -5.07
C ASN A 466 -11.21 -0.88 -3.56
N ASN A 467 -10.91 -2.14 -3.22
CA ASN A 467 -10.91 -2.58 -1.84
C ASN A 467 -9.69 -3.48 -1.51
N ALA A 468 -8.51 -2.85 -1.58
CA ALA A 468 -7.25 -3.47 -1.23
C ALA A 468 -7.05 -4.71 -2.11
N SER A 469 -7.07 -4.50 -3.42
CA SER A 469 -7.06 -5.62 -4.37
C SER A 469 -5.73 -6.37 -4.43
N VAL A 470 -4.61 -5.72 -4.11
CA VAL A 470 -3.33 -6.46 -4.06
C VAL A 470 -3.37 -7.47 -2.89
N SER A 471 -3.89 -7.00 -1.76
CA SER A 471 -4.06 -7.79 -0.57
C SER A 471 -5.04 -8.96 -0.80
N CYS A 472 -6.17 -8.73 -1.48
CA CYS A 472 -7.16 -9.77 -1.72
C CYS A 472 -6.59 -10.91 -2.57
N ALA A 473 -5.85 -10.59 -3.64
CA ALA A 473 -5.16 -11.65 -4.41
C ALA A 473 -4.22 -12.47 -3.52
N GLY A 474 -3.52 -11.80 -2.59
CA GLY A 474 -2.75 -12.51 -1.56
C GLY A 474 -3.62 -13.42 -0.70
N GLN A 475 -4.74 -12.87 -0.21
CA GLN A 475 -5.68 -13.64 0.62
C GLN A 475 -6.23 -14.88 -0.13
N PHE A 476 -6.53 -14.74 -1.41
CA PHE A 476 -7.02 -15.87 -2.20
C PHE A 476 -6.01 -17.02 -2.12
N VAL A 477 -4.73 -16.69 -2.34
CA VAL A 477 -3.70 -17.71 -2.28
C VAL A 477 -3.67 -18.31 -0.89
N ALA A 478 -3.70 -17.46 0.13
CA ALA A 478 -3.72 -17.94 1.55
C ALA A 478 -4.87 -18.89 1.85
N ASN A 479 -6.01 -18.71 1.18
CA ASN A 479 -7.19 -19.59 1.37
C ASN A 479 -6.91 -21.05 1.06
N HIS A 480 -5.91 -21.33 0.21
CA HIS A 480 -5.55 -22.70 -0.12
C HIS A 480 -4.31 -23.22 0.57
N LEU A 481 -3.86 -22.50 1.60
CA LEU A 481 -2.87 -23.06 2.53
C LEU A 481 -3.46 -24.26 3.23
N SER A 482 -2.64 -25.24 3.49
CA SER A 482 -3.06 -26.39 4.30
C SER A 482 -3.61 -25.88 5.62
N PRO A 483 -4.76 -26.43 6.07
CA PRO A 483 -5.29 -26.02 7.38
C PRO A 483 -4.36 -26.35 8.56
N ASP A 484 -3.48 -27.35 8.41
CA ASP A 484 -2.46 -27.56 9.45
C ASP A 484 -1.22 -26.61 9.43
N PHE A 485 -1.06 -25.79 8.38
CA PHE A 485 0.04 -24.84 8.31
C PHE A 485 -0.12 -23.73 9.38
N LYS A 486 0.83 -23.70 10.33
CA LYS A 486 0.88 -22.68 11.41
C LYS A 486 2.07 -21.70 11.23
N GLY A 487 2.67 -21.69 10.05
CA GLY A 487 3.91 -20.95 9.81
C GLY A 487 3.72 -19.56 9.25
N LYS A 488 4.84 -18.96 8.89
CA LYS A 488 4.88 -17.64 8.32
C LYS A 488 4.67 -17.71 6.81
N HIS A 489 3.87 -16.78 6.31
CA HIS A 489 3.50 -16.68 4.91
C HIS A 489 3.83 -15.25 4.41
N ILE A 490 4.73 -15.21 3.44
CA ILE A 490 5.17 -14.02 2.76
C ILE A 490 4.73 -14.13 1.28
N HIS A 491 3.83 -13.24 0.89
CA HIS A 491 3.32 -13.20 -0.47
C HIS A 491 3.88 -11.94 -1.17
N VAL A 492 4.50 -12.13 -2.33
CA VAL A 492 5.22 -11.06 -3.02
C VAL A 492 4.57 -10.81 -4.37
N ASP A 493 4.04 -9.61 -4.55
CA ASP A 493 3.47 -9.19 -5.82
C ASP A 493 4.50 -8.30 -6.47
N MET A 494 5.16 -8.81 -7.49
CA MET A 494 6.29 -8.12 -8.13
C MET A 494 6.01 -7.81 -9.61
N ALA A 495 4.75 -7.52 -9.92
CA ALA A 495 4.31 -7.28 -11.31
C ALA A 495 5.15 -6.21 -12.04
N PHE A 496 5.29 -5.03 -11.43
CA PHE A 496 6.07 -3.93 -12.00
C PHE A 496 7.61 -3.96 -11.77
N PRO A 497 8.06 -4.35 -10.58
CA PRO A 497 9.50 -4.43 -10.37
C PRO A 497 10.23 -5.43 -11.28
N ALA A 498 9.49 -6.37 -11.84
CA ALA A 498 10.03 -7.35 -12.78
C ALA A 498 10.58 -6.72 -14.08
N PHE A 499 10.29 -5.45 -14.34
CA PHE A 499 10.75 -4.78 -15.56
C PHE A 499 10.92 -3.27 -15.40
N GLU A 500 11.74 -2.72 -16.29
CA GLU A 500 12.12 -1.31 -16.30
C GLU A 500 12.56 -0.92 -17.72
N ASN A 501 12.08 0.22 -18.20
CA ASN A 501 12.28 0.66 -19.62
C ASN A 501 12.00 -0.47 -20.59
N ASP A 502 10.93 -1.20 -20.34
CA ASP A 502 10.52 -2.27 -21.22
C ASP A 502 11.56 -3.41 -21.35
N LYS A 503 12.36 -3.61 -20.29
CA LYS A 503 13.28 -4.71 -20.18
C LYS A 503 13.21 -5.31 -18.78
N ALA A 504 13.31 -6.63 -18.74
CA ALA A 504 13.36 -7.39 -17.50
C ALA A 504 14.52 -6.92 -16.62
N THR A 505 14.27 -6.93 -15.35
CA THR A 505 15.24 -6.52 -14.32
C THR A 505 15.95 -7.67 -13.62
N GLY A 506 15.43 -8.87 -13.72
CA GLY A 506 15.91 -10.00 -12.88
C GLY A 506 15.54 -9.89 -11.38
N PHE A 507 14.53 -9.09 -11.05
CA PHE A 507 14.10 -8.84 -9.66
C PHE A 507 13.65 -10.12 -8.98
N GLY A 508 13.97 -10.26 -7.71
CA GLY A 508 13.48 -11.38 -6.93
C GLY A 508 14.51 -12.25 -6.27
N PRO A 509 15.38 -12.88 -7.08
CA PRO A 509 16.37 -13.81 -6.53
C PRO A 509 17.31 -13.25 -5.47
N ALA A 510 17.74 -12.03 -5.62
CA ALA A 510 18.70 -11.44 -4.64
C ALA A 510 18.02 -11.02 -3.35
N LEU A 511 16.84 -10.43 -3.47
CA LEU A 511 15.92 -10.21 -2.35
C LEU A 511 15.79 -11.49 -1.55
N LEU A 512 15.46 -12.54 -2.27
CA LEU A 512 15.23 -13.84 -1.68
C LEU A 512 16.47 -14.41 -1.01
N THR A 513 17.57 -14.26 -1.71
CA THR A 513 18.86 -14.76 -1.27
C THR A 513 19.28 -14.07 0.03
N GLU A 514 19.12 -12.76 0.08
CA GLU A 514 19.47 -11.98 1.24
C GLU A 514 18.56 -12.36 2.45
N TYR A 515 17.27 -12.57 2.18
CA TYR A 515 16.36 -12.98 3.23
C TYR A 515 16.75 -14.34 3.85
N LEU A 516 16.99 -15.33 2.98
CA LEU A 516 17.38 -16.68 3.42
C LEU A 516 18.73 -16.68 4.17
N ARG A 517 19.68 -15.94 3.63
CA ARG A 517 21.02 -15.74 4.23
C ARG A 517 20.96 -15.31 5.69
N ASN A 518 19.97 -14.51 6.05
CA ASN A 518 19.82 -13.94 7.41
C ASN A 518 18.84 -14.64 8.33
N LEU A 519 18.30 -15.79 7.91
CA LEU A 519 17.42 -16.62 8.76
C LEU A 519 18.25 -17.37 9.83
N ARG A 520 17.71 -17.49 11.04
CA ARG A 520 18.38 -18.28 12.13
C ARG A 520 17.41 -19.21 12.87
N GLY B 10 -33.34 27.40 3.76
CA GLY B 10 -32.74 26.01 3.50
C GLY B 10 -31.35 25.84 4.13
N ALA B 11 -30.42 26.67 3.66
CA ALA B 11 -29.02 26.65 4.13
C ALA B 11 -28.84 27.13 5.58
N SER B 12 -29.51 28.22 5.95
CA SER B 12 -29.36 28.77 7.32
C SER B 12 -29.95 27.82 8.40
N GLU B 13 -30.96 27.02 8.03
CA GLU B 13 -31.51 25.95 8.90
C GLU B 13 -30.50 24.81 9.07
N PHE B 14 -29.76 24.46 8.02
CA PHE B 14 -28.68 23.49 8.14
C PHE B 14 -27.55 24.02 9.00
N VAL B 15 -27.24 25.29 8.82
CA VAL B 15 -26.20 25.95 9.63
C VAL B 15 -26.58 25.93 11.10
N ARG B 16 -27.83 26.28 11.40
CA ARG B 16 -28.29 26.36 12.81
C ARG B 16 -28.21 24.96 13.41
N SER B 17 -28.63 23.98 12.62
CA SER B 17 -28.52 22.56 12.98
C SER B 17 -27.08 22.14 13.36
N CYS B 18 -26.10 22.58 12.60
CA CYS B 18 -24.68 22.19 12.87
C CYS B 18 -24.11 22.87 14.11
N VAL B 19 -24.47 24.14 14.28
CA VAL B 19 -23.91 25.01 15.31
C VAL B 19 -24.33 24.59 16.71
N ASN B 20 -25.58 24.16 16.82
CA ASN B 20 -26.20 23.73 18.10
C ASN B 20 -26.22 22.24 18.34
N PHE B 21 -25.48 21.52 17.52
CA PHE B 21 -25.57 20.07 17.52
C PHE B 21 -25.17 19.38 18.81
N GLU B 22 -26.03 18.48 19.26
CA GLU B 22 -25.78 17.61 20.42
C GLU B 22 -26.01 16.16 20.11
N THR B 23 -25.17 15.28 20.61
CA THR B 23 -25.29 13.85 20.30
C THR B 23 -26.52 13.25 20.97
N ASN B 24 -26.97 12.14 20.45
CA ASN B 24 -28.03 11.34 21.07
C ASN B 24 -27.50 10.08 21.79
N VAL B 25 -26.22 10.02 22.06
CA VAL B 25 -25.63 8.83 22.69
C VAL B 25 -25.05 9.23 24.04
N GLU B 26 -25.34 8.40 25.03
CA GLU B 26 -24.89 8.56 26.40
C GLU B 26 -24.16 7.26 26.80
N PHE B 27 -23.23 7.37 27.75
CA PHE B 27 -22.37 6.24 28.14
C PHE B 27 -22.41 6.01 29.65
N THR B 28 -22.42 4.74 30.06
CA THR B 28 -22.46 4.41 31.48
C THR B 28 -21.89 3.02 31.63
N ASP B 29 -22.09 2.43 32.80
CA ASP B 29 -21.59 1.07 33.05
C ASP B 29 -22.61 0.29 33.84
N VAL B 30 -22.41 -1.03 33.89
CA VAL B 30 -23.36 -1.96 34.46
C VAL B 30 -23.73 -1.60 35.90
N ASP B 31 -22.73 -1.27 36.69
CA ASP B 31 -22.89 -0.97 38.14
C ASP B 31 -23.66 0.32 38.32
N ALA B 32 -23.25 1.39 37.66
CA ALA B 32 -24.01 2.66 37.72
C ALA B 32 -25.48 2.49 37.22
N TYR B 33 -25.66 1.64 36.19
CA TYR B 33 -26.97 1.34 35.61
C TYR B 33 -27.86 0.66 36.66
N LYS B 34 -27.33 -0.37 37.31
CA LYS B 34 -28.05 -1.08 38.39
C LYS B 34 -28.40 -0.15 39.59
N LYS B 35 -27.55 0.81 39.92
CA LYS B 35 -27.84 1.74 41.02
C LYS B 35 -28.90 2.77 40.69
N THR B 36 -29.00 3.14 39.44
CA THR B 36 -29.90 4.24 39.02
C THR B 36 -31.30 3.71 38.63
N HIS B 37 -31.35 2.51 38.07
CA HIS B 37 -32.57 1.92 37.50
C HIS B 37 -33.00 0.77 38.36
N THR B 38 -33.61 1.15 39.46
CA THR B 38 -33.96 0.16 40.50
C THR B 38 -35.31 -0.42 40.21
N ALA B 39 -36.06 0.22 39.31
CA ALA B 39 -37.33 -0.32 38.83
C ALA B 39 -37.17 -1.24 37.58
N GLY B 40 -35.95 -1.76 37.35
CA GLY B 40 -35.67 -2.60 36.15
C GLY B 40 -35.22 -1.79 34.97
N LEU B 41 -35.08 -2.44 33.83
CA LEU B 41 -34.61 -1.81 32.57
C LEU B 41 -35.24 -0.48 32.25
N ALA B 42 -34.42 0.49 31.94
CA ALA B 42 -34.90 1.84 31.57
C ALA B 42 -35.38 1.96 30.13
N SER B 43 -35.45 0.85 29.42
CA SER B 43 -35.86 0.85 28.03
C SER B 43 -36.56 -0.48 27.76
N THR B 44 -37.33 -0.53 26.69
CA THR B 44 -37.94 -1.79 26.30
C THR B 44 -37.37 -2.37 25.00
N PHE B 45 -36.27 -1.77 24.53
CA PHE B 45 -35.50 -2.24 23.36
C PHE B 45 -34.03 -2.32 23.77
N VAL B 46 -33.49 -3.53 23.76
CA VAL B 46 -32.14 -3.79 24.25
C VAL B 46 -31.34 -4.52 23.20
N VAL B 47 -30.08 -4.10 23.06
CA VAL B 47 -29.09 -4.77 22.23
C VAL B 47 -27.96 -5.21 23.14
N ILE B 48 -27.56 -6.47 23.03
CA ILE B 48 -26.43 -6.98 23.80
C ILE B 48 -25.39 -7.47 22.81
N LEU B 49 -24.22 -6.86 22.83
CA LEU B 49 -23.15 -7.17 21.84
C LEU B 49 -21.89 -7.70 22.50
N GLY B 50 -21.43 -8.85 22.05
CA GLY B 50 -20.25 -9.48 22.62
C GLY B 50 -19.73 -10.62 21.78
N THR B 51 -18.51 -11.01 22.07
CA THR B 51 -17.92 -12.19 21.45
C THR B 51 -18.61 -13.47 21.96
N HIS B 52 -18.35 -14.55 21.27
CA HIS B 52 -18.85 -15.84 21.67
C HIS B 52 -18.51 -16.11 23.13
N ALA B 53 -17.27 -15.85 23.53
CA ALA B 53 -16.86 -16.11 24.92
C ALA B 53 -17.52 -15.10 25.86
N GLN B 54 -17.53 -13.83 25.47
CA GLN B 54 -18.05 -12.82 26.38
C GLN B 54 -19.54 -13.07 26.68
N LEU B 55 -20.25 -13.63 25.71
CA LEU B 55 -21.68 -13.85 25.82
C LEU B 55 -22.01 -15.07 26.69
N ARG B 56 -21.00 -15.84 27.09
CA ARG B 56 -21.17 -17.02 27.96
C ARG B 56 -20.57 -16.85 29.35
N GLU B 57 -20.04 -15.68 29.63
CA GLU B 57 -19.56 -15.44 30.99
C GLU B 57 -20.75 -15.46 31.96
N ASP B 58 -20.43 -15.83 33.20
CA ASP B 58 -21.38 -15.80 34.31
C ASP B 58 -21.95 -14.41 34.55
N ALA B 59 -21.15 -13.36 34.37
CA ALA B 59 -21.65 -12.00 34.61
C ALA B 59 -22.88 -11.63 33.75
N LEU B 60 -22.99 -12.25 32.58
CA LEU B 60 -24.12 -11.97 31.70
C LEU B 60 -25.42 -12.37 32.35
N LYS B 61 -25.39 -13.48 33.06
CA LYS B 61 -26.58 -14.00 33.73
C LYS B 61 -27.13 -13.05 34.76
N GLU B 62 -26.31 -12.12 35.24
CA GLU B 62 -26.71 -11.12 36.24
C GLU B 62 -27.25 -9.85 35.64
N LEU B 63 -27.18 -9.72 34.32
CA LEU B 63 -27.67 -8.49 33.67
C LEU B 63 -29.20 -8.44 33.58
N PRO B 64 -29.79 -7.23 33.71
CA PRO B 64 -31.26 -7.04 33.89
C PRO B 64 -32.19 -7.47 32.77
N PHE B 65 -31.68 -7.79 31.61
CA PHE B 65 -32.49 -8.34 30.51
C PHE B 65 -32.26 -9.84 30.35
N TYR B 66 -31.45 -10.45 31.20
CA TYR B 66 -31.15 -11.87 31.01
C TYR B 66 -32.39 -12.69 31.33
N CYS B 67 -32.69 -13.67 30.50
CA CYS B 67 -33.80 -14.56 30.73
C CYS B 67 -33.61 -15.79 29.84
N PRO B 68 -34.51 -16.81 29.94
CA PRO B 68 -34.28 -18.01 29.11
C PRO B 68 -34.27 -17.78 27.58
N ALA B 69 -35.07 -16.83 27.08
CA ALA B 69 -35.12 -16.53 25.64
C ALA B 69 -33.81 -15.89 25.16
N VAL B 70 -33.27 -15.03 25.99
CA VAL B 70 -32.03 -14.41 25.71
C VAL B 70 -30.93 -15.48 25.75
N ALA B 71 -30.98 -16.38 26.72
CA ALA B 71 -30.01 -17.51 26.76
C ALA B 71 -30.09 -18.35 25.49
N GLU B 72 -31.30 -18.64 25.02
CA GLU B 72 -31.48 -19.37 23.75
C GLU B 72 -30.93 -18.59 22.52
N ALA B 73 -31.19 -17.29 22.48
CA ALA B 73 -30.66 -16.41 21.47
C ALA B 73 -29.13 -16.47 21.40
N ILE B 74 -28.50 -16.46 22.56
CA ILE B 74 -27.04 -16.57 22.65
C ILE B 74 -26.53 -17.87 22.06
N GLN B 75 -27.25 -18.96 22.28
CA GLN B 75 -26.92 -20.26 21.71
C GLN B 75 -27.13 -20.35 20.23
N ARG B 76 -28.06 -19.61 19.67
CA ARG B 76 -28.42 -19.74 18.25
C ARG B 76 -27.80 -18.73 17.31
N VAL B 77 -27.36 -17.61 17.84
CA VAL B 77 -26.89 -16.51 17.03
C VAL B 77 -25.65 -16.95 16.31
N LYS B 78 -25.43 -16.40 15.13
CA LYS B 78 -24.25 -16.66 14.35
C LYS B 78 -23.27 -15.50 14.46
N LYS B 79 -22.00 -15.86 14.41
CA LYS B 79 -20.87 -14.92 14.38
C LYS B 79 -21.13 -13.93 13.29
N GLY B 80 -21.07 -12.64 13.65
CA GLY B 80 -21.30 -11.53 12.73
C GLY B 80 -22.73 -11.14 12.47
N GLU B 81 -23.66 -11.74 13.20
CA GLU B 81 -25.09 -11.52 12.99
C GLU B 81 -25.83 -11.26 14.31
N THR B 82 -27.05 -10.75 14.18
CA THR B 82 -27.95 -10.54 15.29
C THR B 82 -28.97 -11.66 15.33
N TYR B 83 -29.57 -11.83 16.49
CA TYR B 83 -30.66 -12.79 16.72
C TYR B 83 -31.61 -12.14 17.71
N ALA B 84 -32.85 -11.92 17.28
CA ALA B 84 -33.80 -11.13 18.05
C ALA B 84 -34.83 -12.00 18.73
N VAL B 85 -35.17 -11.62 19.95
CA VAL B 85 -36.28 -12.25 20.67
C VAL B 85 -37.17 -11.20 21.34
N LEU B 86 -38.36 -11.64 21.75
CA LEU B 86 -39.15 -10.91 22.74
C LEU B 86 -38.88 -11.58 24.08
N ALA B 87 -38.39 -10.80 25.05
CA ALA B 87 -38.08 -11.37 26.36
C ALA B 87 -39.24 -11.15 27.33
N GLU B 88 -39.79 -12.24 27.86
CA GLU B 88 -40.95 -12.16 28.76
C GLU B 88 -40.48 -12.28 30.19
N GLY B 89 -41.14 -11.57 31.10
CA GLY B 89 -40.79 -11.59 32.52
C GLY B 89 -39.57 -10.79 32.97
N VAL B 90 -39.17 -9.83 32.17
CA VAL B 90 -38.05 -9.00 32.52
C VAL B 90 -38.63 -7.75 33.11
N LYS B 91 -38.21 -7.42 34.32
CA LYS B 91 -38.55 -6.16 34.96
C LYS B 91 -38.07 -5.00 34.13
N ASN B 92 -38.98 -4.08 33.88
CA ASN B 92 -38.65 -2.85 33.16
C ASN B 92 -39.47 -1.71 33.66
N GLU B 93 -38.93 -0.50 33.53
CA GLU B 93 -39.60 0.73 34.05
C GLU B 93 -40.99 0.88 33.50
N ALA B 94 -41.16 0.53 32.22
CA ALA B 94 -42.46 0.68 31.53
C ALA B 94 -43.48 -0.39 31.93
N ASN B 95 -43.06 -1.39 32.67
CA ASN B 95 -43.88 -2.58 32.95
C ASN B 95 -44.51 -3.22 31.72
N GLU B 96 -43.79 -3.24 30.62
CA GLU B 96 -44.25 -3.97 29.45
C GLU B 96 -44.12 -5.43 29.72
N ARG B 97 -45.01 -6.20 29.15
CA ARG B 97 -44.89 -7.63 29.20
C ARG B 97 -43.66 -8.10 28.50
N PHE B 98 -43.39 -7.54 27.33
CA PHE B 98 -42.24 -7.97 26.53
C PHE B 98 -41.25 -6.82 26.38
N VAL B 99 -39.97 -7.19 26.46
CA VAL B 99 -38.84 -6.31 26.08
C VAL B 99 -38.20 -6.92 24.82
N ARG B 100 -37.96 -6.09 23.83
CA ARG B 100 -37.28 -6.54 22.62
C ARG B 100 -35.79 -6.61 22.90
N VAL B 101 -35.18 -7.76 22.65
CA VAL B 101 -33.76 -7.95 22.91
C VAL B 101 -33.06 -8.50 21.68
N LEU B 102 -32.00 -7.82 21.25
CA LEU B 102 -31.20 -8.30 20.11
C LEU B 102 -29.82 -8.70 20.58
N VAL B 103 -29.45 -9.95 20.32
CA VAL B 103 -28.13 -10.46 20.63
C VAL B 103 -27.31 -10.40 19.36
N GLY B 104 -26.20 -9.69 19.44
CA GLY B 104 -25.23 -9.59 18.34
C GLY B 104 -23.90 -10.21 18.73
N GLU B 105 -23.47 -11.21 17.97
CA GLU B 105 -22.15 -11.82 18.23
C GLU B 105 -21.06 -11.18 17.39
N VAL B 106 -20.10 -10.59 18.08
CA VAL B 106 -18.95 -9.89 17.46
C VAL B 106 -17.81 -10.90 17.32
N PRO B 107 -17.15 -10.98 16.16
CA PRO B 107 -16.04 -11.90 16.05
C PRO B 107 -14.92 -11.49 16.97
N SER B 108 -14.20 -12.48 17.50
CA SER B 108 -13.05 -12.24 18.39
C SER B 108 -11.77 -12.06 17.60
N GLU B 109 -11.76 -12.65 16.40
CA GLU B 109 -10.59 -12.62 15.53
C GLU B 109 -10.39 -11.19 14.93
N ALA B 110 -9.16 -10.71 15.00
CA ALA B 110 -8.77 -9.42 14.42
C ALA B 110 -7.30 -9.45 14.01
N SER B 111 -7.01 -8.95 12.84
CA SER B 111 -5.63 -8.90 12.38
C SER B 111 -4.86 -7.81 13.14
N ARG B 112 -3.52 -7.90 13.02
CA ARG B 112 -2.63 -6.89 13.59
C ARG B 112 -2.87 -5.45 13.10
N THR B 113 -3.48 -5.33 11.92
CA THR B 113 -3.78 -4.04 11.30
C THR B 113 -5.18 -3.48 11.65
N ASN B 114 -5.94 -4.24 12.44
CA ASN B 114 -7.31 -3.91 12.79
C ASN B 114 -7.48 -3.64 14.29
N CYS B 115 -8.60 -2.99 14.63
CA CYS B 115 -8.97 -2.76 16.02
C CYS B 115 -9.44 -4.10 16.60
N PRO B 116 -8.82 -4.58 17.70
CA PRO B 116 -9.19 -5.92 18.18
C PRO B 116 -10.63 -6.05 18.71
N ALA B 117 -11.25 -4.93 19.06
CA ALA B 117 -12.66 -4.96 19.46
C ALA B 117 -13.62 -5.05 18.26
N ARG B 118 -13.11 -5.01 17.03
CA ARG B 118 -13.92 -5.13 15.83
C ARG B 118 -15.18 -4.21 15.86
N PRO B 119 -14.97 -2.90 16.07
CA PRO B 119 -16.07 -1.95 15.96
C PRO B 119 -16.74 -1.91 14.59
N ASP B 120 -16.05 -2.36 13.53
CA ASP B 120 -16.68 -2.51 12.23
C ASP B 120 -17.98 -3.37 12.29
N VAL B 121 -17.92 -4.48 13.03
CA VAL B 121 -19.08 -5.37 13.20
C VAL B 121 -20.02 -4.87 14.30
N VAL B 122 -19.47 -4.28 15.36
CA VAL B 122 -20.32 -3.60 16.34
C VAL B 122 -21.25 -2.60 15.61
N ALA B 123 -20.66 -1.77 14.78
CA ALA B 123 -21.43 -0.77 14.02
C ALA B 123 -22.48 -1.38 13.10
N SER B 124 -22.12 -2.43 12.37
CA SER B 124 -23.11 -3.01 11.44
C SER B 124 -24.23 -3.78 12.18
N LEU B 125 -23.87 -4.49 13.25
CA LEU B 125 -24.89 -5.13 14.10
C LEU B 125 -25.83 -4.10 14.72
N LEU B 126 -25.28 -3.07 15.31
CA LEU B 126 -26.08 -2.03 15.93
C LEU B 126 -26.98 -1.33 14.91
N SER B 127 -26.41 -0.99 13.77
CA SER B 127 -27.17 -0.36 12.72
C SER B 127 -28.36 -1.19 12.21
N ALA B 128 -28.16 -2.49 12.13
CA ALA B 128 -29.18 -3.40 11.69
C ALA B 128 -30.29 -3.50 12.75
N ALA B 129 -29.88 -3.59 14.01
CA ALA B 129 -30.82 -3.60 15.15
C ALA B 129 -31.69 -2.36 15.20
N LEU B 130 -31.08 -1.21 15.00
CA LEU B 130 -31.82 0.08 15.04
C LEU B 130 -32.76 0.36 13.87
N GLU B 131 -32.73 -0.47 12.82
CA GLU B 131 -33.70 -0.39 11.71
C GLU B 131 -35.10 -0.76 12.12
N GLU B 132 -35.21 -1.53 13.19
CA GLU B 132 -36.50 -1.91 13.72
C GLU B 132 -37.20 -0.76 14.50
N ILE B 133 -36.45 0.27 14.86
CA ILE B 133 -36.96 1.39 15.66
C ILE B 133 -37.62 2.45 14.80
N LYS B 134 -38.91 2.63 15.02
CA LYS B 134 -39.73 3.60 14.27
C LYS B 134 -39.81 4.97 14.96
N GLY B 135 -40.42 5.01 16.14
CA GLY B 135 -41.00 6.26 16.74
C GLY B 135 -39.98 7.33 17.09
N PRO B 136 -40.40 8.47 17.66
CA PRO B 136 -39.50 9.55 18.09
C PRO B 136 -38.81 9.28 19.42
N GLU B 137 -37.59 9.78 19.56
CA GLU B 137 -36.79 9.67 20.79
C GLU B 137 -37.00 8.34 21.57
N THR B 138 -37.03 7.22 20.86
CA THR B 138 -37.18 5.89 21.47
C THR B 138 -35.89 5.49 22.18
N LYS B 139 -35.99 5.15 23.44
CA LYS B 139 -34.86 4.77 24.24
C LYS B 139 -34.37 3.36 23.92
N VAL B 140 -33.07 3.24 23.64
CA VAL B 140 -32.42 1.94 23.42
C VAL B 140 -31.21 1.80 24.36
N ASP B 141 -31.11 0.69 25.07
CA ASP B 141 -29.91 0.33 25.84
C ASP B 141 -29.07 -0.66 25.04
N VAL B 142 -27.80 -0.32 24.88
CA VAL B 142 -26.84 -1.19 24.24
C VAL B 142 -25.81 -1.63 25.29
N PHE B 143 -25.89 -2.88 25.69
CA PHE B 143 -24.94 -3.46 26.61
C PHE B 143 -23.85 -4.08 25.75
N VAL B 144 -22.63 -3.62 26.00
CA VAL B 144 -21.47 -4.11 25.29
C VAL B 144 -20.56 -4.76 26.32
N ARG B 145 -19.93 -5.85 25.91
CA ARG B 145 -18.99 -6.58 26.75
C ARG B 145 -17.52 -6.21 26.50
N SER B 146 -17.25 -5.49 25.41
CA SER B 146 -15.93 -4.90 25.19
C SER B 146 -15.65 -3.72 26.12
N THR B 147 -14.39 -3.57 26.53
CA THR B 147 -13.96 -2.41 27.33
C THR B 147 -13.23 -1.40 26.50
N ALA B 148 -13.24 -1.57 25.17
CA ALA B 148 -12.55 -0.65 24.27
C ALA B 148 -13.43 0.57 24.05
N ALA B 149 -13.49 1.41 25.08
CA ALA B 149 -14.46 2.49 25.15
C ALA B 149 -14.52 3.41 23.95
N LEU B 150 -13.38 3.88 23.54
CA LEU B 150 -13.36 4.86 22.47
C LEU B 150 -13.86 4.27 21.17
N ALA B 151 -13.39 3.09 20.83
CA ALA B 151 -13.82 2.43 19.60
C ALA B 151 -15.31 2.12 19.58
N ILE B 152 -15.84 1.67 20.73
CA ILE B 152 -17.29 1.45 20.87
C ILE B 152 -18.08 2.75 20.73
N ALA B 153 -17.61 3.80 21.41
CA ALA B 153 -18.27 5.09 21.32
C ALA B 153 -18.46 5.54 19.88
N VAL B 154 -17.39 5.45 19.10
CA VAL B 154 -17.42 5.86 17.71
C VAL B 154 -18.42 5.04 16.89
N ALA B 155 -18.30 3.72 16.97
CA ALA B 155 -19.22 2.81 16.32
C ALA B 155 -20.70 3.10 16.65
N ALA B 156 -20.95 3.34 17.91
CA ALA B 156 -22.29 3.62 18.36
C ALA B 156 -22.76 4.97 17.81
N ALA B 157 -21.91 5.97 17.95
CA ALA B 157 -22.21 7.29 17.46
C ALA B 157 -22.59 7.29 15.98
N ARG B 158 -21.79 6.60 15.20
CA ARG B 158 -22.00 6.62 13.75
C ARG B 158 -23.17 5.73 13.29
N SER B 159 -23.66 4.86 14.17
CA SER B 159 -24.80 3.98 13.89
C SER B 159 -26.11 4.46 14.52
N ALA B 160 -26.07 5.58 15.24
CA ALA B 160 -27.22 6.04 16.02
C ALA B 160 -28.29 6.83 15.24
N LYS B 161 -28.17 6.85 13.94
CA LYS B 161 -29.18 7.40 13.07
C LYS B 161 -29.40 8.89 13.22
N ARG B 162 -28.33 9.60 13.52
CA ARG B 162 -28.30 11.07 13.47
C ARG B 162 -27.81 11.64 12.15
N ASN B 163 -27.70 10.78 11.14
CA ASN B 163 -27.25 11.19 9.81
C ASN B 163 -28.06 12.39 9.27
N PHE B 164 -27.43 13.09 8.35
CA PHE B 164 -28.16 14.05 7.52
C PHE B 164 -29.27 13.33 6.77
N THR B 165 -30.41 13.99 6.67
CA THR B 165 -31.55 13.46 5.91
C THR B 165 -32.54 14.57 5.58
N ALA B 166 -33.07 14.56 4.37
CA ALA B 166 -34.10 15.49 3.95
C ALA B 166 -35.40 14.76 3.55
N LYS B 167 -35.50 13.47 3.86
CA LYS B 167 -36.75 12.71 3.69
C LYS B 167 -37.91 13.35 4.47
N GLU B 168 -39.12 13.16 3.96
CA GLU B 168 -40.36 13.39 4.72
CA GLU B 168 -40.36 13.38 4.73
C GLU B 168 -40.39 14.76 5.42
N GLY B 169 -39.94 15.80 4.74
CA GLY B 169 -40.03 17.16 5.30
C GLY B 169 -39.13 17.50 6.48
N LEU B 170 -38.16 16.63 6.76
CA LEU B 170 -37.23 16.81 7.89
C LEU B 170 -36.31 18.00 7.74
N ALA B 171 -36.37 18.68 6.60
CA ALA B 171 -35.68 19.97 6.42
C ALA B 171 -36.10 20.99 7.49
N THR B 172 -37.35 20.88 7.94
CA THR B 172 -37.91 21.77 9.00
C THR B 172 -37.56 21.34 10.43
N ARG B 173 -37.12 20.09 10.57
CA ARG B 173 -36.69 19.51 11.85
C ARG B 173 -35.16 19.28 11.87
N GLY B 174 -34.42 20.29 11.43
CA GLY B 174 -32.97 20.25 11.36
C GLY B 174 -32.32 19.16 10.51
N TYR B 175 -32.98 18.68 9.47
CA TYR B 175 -32.42 17.62 8.59
C TYR B 175 -31.91 16.42 9.40
N CYS B 176 -32.75 15.97 10.32
CA CYS B 176 -32.39 14.95 11.27
C CYS B 176 -33.61 14.14 11.64
N ASP B 177 -33.51 12.83 11.51
CA ASP B 177 -34.56 11.92 12.02
C ASP B 177 -34.17 11.54 13.46
N ASN B 178 -34.80 12.17 14.45
CA ASN B 178 -34.47 11.90 15.88
C ASN B 178 -35.24 10.72 16.43
N CYS B 179 -34.95 9.54 15.91
CA CYS B 179 -35.75 8.37 16.26
C CYS B 179 -35.22 7.55 17.41
N VAL B 180 -33.98 7.80 17.82
CA VAL B 180 -33.30 6.98 18.82
C VAL B 180 -32.56 7.84 19.85
N ARG B 181 -32.64 7.45 21.14
CA ARG B 181 -31.71 7.89 22.20
C ARG B 181 -30.98 6.64 22.65
N LEU B 182 -29.67 6.62 22.50
CA LEU B 182 -28.89 5.45 22.90
C LEU B 182 -28.25 5.62 24.23
N THR B 183 -28.23 4.56 25.01
CA THR B 183 -27.40 4.47 26.19
C THR B 183 -26.51 3.23 26.05
N VAL B 184 -25.21 3.47 26.07
CA VAL B 184 -24.23 2.42 25.88
C VAL B 184 -23.75 2.04 27.27
N VAL B 185 -23.83 0.75 27.59
CA VAL B 185 -23.51 0.27 28.94
C VAL B 185 -22.30 -0.66 28.93
N PHE B 186 -21.18 -0.15 29.44
CA PHE B 186 -19.92 -0.93 29.50
C PHE B 186 -19.94 -1.82 30.70
N PRO B 187 -19.06 -2.82 30.73
CA PRO B 187 -19.00 -3.68 31.92
C PRO B 187 -18.59 -2.93 33.19
N THR B 188 -17.61 -2.03 33.07
CA THR B 188 -17.14 -1.19 34.20
C THR B 188 -16.97 0.22 33.75
N ALA B 189 -16.87 1.13 34.70
CA ALA B 189 -16.74 2.56 34.38
C ALA B 189 -15.67 2.70 33.29
N PRO B 190 -16.00 3.31 32.16
CA PRO B 190 -15.07 3.31 31.02
C PRO B 190 -13.90 4.30 31.10
N ASN B 191 -12.83 3.97 30.39
CA ASN B 191 -11.74 4.92 30.08
C ASN B 191 -11.55 5.03 28.57
N PRO B 192 -11.80 6.18 27.95
CA PRO B 192 -12.17 7.47 28.58
C PRO B 192 -13.53 7.53 29.27
N SER B 193 -13.73 8.58 30.03
CA SER B 193 -14.93 8.77 30.80
C SER B 193 -16.17 9.03 29.91
N PRO B 194 -17.36 8.83 30.46
CA PRO B 194 -18.55 9.11 29.71
C PRO B 194 -18.66 10.52 29.17
N SER B 195 -18.23 11.52 29.93
CA SER B 195 -18.32 12.88 29.40
C SER B 195 -17.34 13.04 28.24
N GLU B 196 -16.21 12.37 28.31
CA GLU B 196 -15.24 12.40 27.18
C GLU B 196 -15.80 11.71 25.93
N LEU B 197 -16.32 10.50 26.11
CA LEU B 197 -16.92 9.76 25.02
C LEU B 197 -18.07 10.54 24.36
N ALA B 198 -18.82 11.31 25.14
CA ALA B 198 -19.93 12.10 24.59
C ALA B 198 -19.42 13.21 23.67
N VAL B 199 -18.32 13.80 24.05
CA VAL B 199 -17.72 14.82 23.18
C VAL B 199 -17.26 14.16 21.87
N VAL B 200 -16.57 13.03 21.99
CA VAL B 200 -16.13 12.24 20.82
C VAL B 200 -17.31 11.87 19.91
N ALA B 201 -18.35 11.29 20.51
CA ALA B 201 -19.54 10.91 19.75
C ALA B 201 -20.18 12.10 19.07
N THR B 202 -20.19 13.24 19.75
CA THR B 202 -20.78 14.47 19.18
C THR B 202 -20.01 14.87 17.89
N SER B 203 -18.68 14.88 17.98
CA SER B 203 -17.83 15.18 16.84
C SER B 203 -17.97 14.15 15.71
N THR B 204 -18.08 12.88 16.04
CA THR B 204 -18.27 11.86 15.01
C THR B 204 -19.55 12.17 14.24
N GLN B 205 -20.63 12.43 15.00
CA GLN B 205 -21.91 12.66 14.36
C GLN B 205 -21.95 13.96 13.57
N LEU B 206 -21.32 15.00 14.11
CA LEU B 206 -21.30 16.28 13.38
C LEU B 206 -20.54 16.14 12.06
N CYS B 207 -19.47 15.39 12.11
CA CYS B 207 -18.66 15.15 10.93
C CYS B 207 -19.45 14.38 9.86
N GLN B 208 -20.15 13.35 10.30
CA GLN B 208 -21.09 12.58 9.49
C GLN B 208 -22.12 13.44 8.75
N ARG B 209 -22.70 14.38 9.47
CA ARG B 209 -23.72 15.29 8.90
C ARG B 209 -23.12 16.27 7.91
N LEU B 210 -21.94 16.81 8.25
CA LEU B 210 -21.24 17.74 7.34
C LEU B 210 -20.93 17.08 5.99
N VAL B 211 -20.48 15.84 6.02
CA VAL B 211 -20.02 15.12 4.84
C VAL B 211 -21.17 14.79 3.90
N ASP B 212 -22.23 14.24 4.47
CA ASP B 212 -23.40 13.84 3.67
C ASP B 212 -24.37 14.97 3.35
N ALA B 213 -24.19 16.15 3.95
CA ALA B 213 -24.94 17.32 3.49
C ALA B 213 -24.62 17.63 2.03
N PRO B 214 -25.64 17.92 1.23
CA PRO B 214 -25.35 18.27 -0.16
C PRO B 214 -24.81 19.68 -0.27
N THR B 215 -24.18 19.98 -1.40
CA THR B 215 -23.51 21.24 -1.60
C THR B 215 -24.45 22.43 -1.67
N ASN B 216 -25.70 22.20 -2.06
CA ASN B 216 -26.70 23.28 -2.02
C ASN B 216 -27.02 23.77 -0.59
N LEU B 217 -26.54 23.05 0.42
CA LEU B 217 -26.68 23.45 1.82
C LEU B 217 -25.33 23.78 2.43
N LEU B 218 -24.37 22.88 2.22
CA LEU B 218 -23.01 23.08 2.71
C LEU B 218 -22.06 23.39 1.56
N ASN B 219 -21.90 24.69 1.35
CA ASN B 219 -20.93 25.26 0.41
C ASN B 219 -19.78 25.93 1.19
N THR B 220 -18.89 26.63 0.49
CA THR B 220 -17.72 27.25 1.14
C THR B 220 -18.11 28.35 2.16
N ALA B 221 -19.18 29.09 1.89
CA ALA B 221 -19.65 30.15 2.80
C ALA B 221 -20.34 29.61 4.03
N THR B 222 -21.17 28.58 3.85
CA THR B 222 -21.92 28.03 5.00
C THR B 222 -21.02 27.16 5.89
N PHE B 223 -20.05 26.47 5.30
CA PHE B 223 -19.02 25.78 6.11
C PHE B 223 -18.20 26.80 6.92
N ALA B 224 -17.73 27.84 6.26
CA ALA B 224 -17.00 28.92 6.96
C ALA B 224 -17.83 29.55 8.10
N GLU B 225 -19.12 29.70 7.84
CA GLU B 225 -20.07 30.24 8.81
C GLU B 225 -20.14 29.38 10.06
N VAL B 226 -20.26 28.07 9.85
CA VAL B 226 -20.27 27.09 10.94
C VAL B 226 -19.00 27.20 11.78
N ALA B 227 -17.86 27.23 11.10
CA ALA B 227 -16.56 27.33 11.80
C ALA B 227 -16.38 28.62 12.58
N GLN B 228 -16.83 29.72 11.99
CA GLN B 228 -16.83 31.02 12.67
C GLN B 228 -17.68 31.03 13.93
N SER B 229 -18.85 30.41 13.87
CA SER B 229 -19.73 30.28 15.04
C SER B 229 -19.08 29.48 16.12
N TYR B 230 -18.55 28.30 15.77
CA TYR B 230 -17.85 27.48 16.76
C TYR B 230 -16.68 28.23 17.38
N ALA B 231 -15.92 28.94 16.56
CA ALA B 231 -14.78 29.70 17.08
C ALA B 231 -15.21 30.70 18.17
N LYS B 232 -16.27 31.45 17.90
CA LYS B 232 -16.81 32.41 18.88
C LYS B 232 -17.29 31.67 20.14
N GLU B 233 -18.06 30.60 19.97
CA GLU B 233 -18.58 29.80 21.07
C GLU B 233 -17.43 29.23 21.93
N LEU B 234 -16.37 28.79 21.30
CA LEU B 234 -15.28 28.11 21.98
C LEU B 234 -14.15 29.02 22.50
N GLY B 235 -14.23 30.32 22.23
CA GLY B 235 -13.16 31.28 22.55
C GLY B 235 -11.88 31.18 21.72
N CYS B 236 -12.01 30.66 20.51
CA CYS B 236 -10.86 30.43 19.62
C CYS B 236 -10.73 31.52 18.57
N ALA B 237 -9.53 31.90 18.25
CA ALA B 237 -9.32 32.88 17.20
C ALA B 237 -9.53 32.20 15.84
N VAL B 238 -9.99 32.97 14.88
CA VAL B 238 -10.33 32.46 13.57
C VAL B 238 -9.98 33.53 12.55
N ASP B 239 -9.38 33.07 11.48
CA ASP B 239 -8.87 33.92 10.41
C ASP B 239 -9.47 33.39 9.09
N VAL B 240 -10.02 34.30 8.30
CA VAL B 240 -10.61 33.93 7.02
C VAL B 240 -9.99 34.75 5.91
N ILE B 241 -9.38 34.05 4.96
CA ILE B 241 -8.89 34.68 3.73
C ILE B 241 -9.81 34.21 2.62
N CYS B 242 -10.63 35.13 2.10
CA CYS B 242 -11.72 34.81 1.16
C CYS B 242 -11.48 35.46 -0.20
N GLY B 243 -11.71 34.69 -1.26
CA GLY B 243 -11.92 35.24 -2.61
C GLY B 243 -10.72 35.98 -3.16
N GLU B 244 -10.94 37.24 -3.54
CA GLU B 244 -9.86 38.09 -4.14
C GLU B 244 -8.69 38.32 -3.18
N GLU B 245 -8.93 38.29 -1.88
CA GLU B 245 -7.83 38.34 -0.92
C GLU B 245 -6.86 37.16 -1.14
N LEU B 246 -7.40 35.98 -1.51
CA LEU B 246 -6.52 34.82 -1.82
C LEU B 246 -5.64 35.08 -3.04
N ARG B 247 -6.23 35.62 -4.10
CA ARG B 247 -5.48 35.98 -5.32
C ARG B 247 -4.43 37.04 -5.00
N GLU B 248 -4.88 38.16 -4.43
CA GLU B 248 -3.99 39.27 -4.10
C GLU B 248 -2.84 38.86 -3.22
N ARG B 249 -3.05 37.92 -2.31
CA ARG B 249 -1.98 37.47 -1.40
C ARG B 249 -1.13 36.26 -1.88
N GLY B 250 -1.31 35.85 -3.13
CA GLY B 250 -0.45 34.79 -3.69
C GLY B 250 -0.87 33.35 -3.44
N TYR B 251 -2.08 33.13 -2.92
CA TYR B 251 -2.60 31.76 -2.68
C TYR B 251 -3.24 31.25 -3.96
N GLY B 252 -2.44 31.12 -4.98
CA GLY B 252 -2.92 30.80 -6.35
C GLY B 252 -3.40 29.37 -6.56
N GLY B 253 -3.03 28.46 -5.67
CA GLY B 253 -3.58 27.11 -5.76
C GLY B 253 -5.07 27.09 -5.44
N ILE B 254 -5.39 27.42 -4.21
CA ILE B 254 -6.77 27.40 -3.73
C ILE B 254 -7.60 28.43 -4.49
N TYR B 255 -7.04 29.60 -4.79
CA TYR B 255 -7.79 30.61 -5.53
C TYR B 255 -8.21 30.11 -6.91
N SER B 256 -7.26 29.59 -7.66
CA SER B 256 -7.53 29.12 -9.04
C SER B 256 -8.51 27.94 -9.11
N VAL B 257 -8.37 27.00 -8.18
CA VAL B 257 -9.26 25.84 -8.12
C VAL B 257 -10.68 26.33 -7.93
N GLY B 258 -10.84 27.30 -7.04
CA GLY B 258 -12.19 27.73 -6.61
C GLY B 258 -12.83 28.94 -7.27
N LYS B 259 -12.09 29.67 -8.10
CA LYS B 259 -12.51 30.99 -8.64
C LYS B 259 -13.70 30.96 -9.56
N CYS B 260 -13.95 29.81 -10.17
CA CYS B 260 -15.10 29.59 -11.09
C CYS B 260 -16.46 29.42 -10.36
N ALA B 261 -16.42 28.93 -9.14
CA ALA B 261 -17.64 28.59 -8.37
C ALA B 261 -18.45 29.84 -8.00
N VAL B 262 -19.73 29.62 -7.74
CA VAL B 262 -20.65 30.69 -7.34
C VAL B 262 -20.21 31.27 -5.98
N GLU B 263 -19.85 30.38 -5.05
CA GLU B 263 -19.40 30.72 -3.70
C GLU B 263 -17.86 30.65 -3.56
N ALA B 264 -17.26 31.78 -3.15
CA ALA B 264 -15.81 32.01 -3.32
C ALA B 264 -15.01 31.07 -2.45
N PRO B 265 -13.78 30.74 -2.89
CA PRO B 265 -12.94 29.93 -2.05
C PRO B 265 -12.47 30.71 -0.84
N ARG B 266 -12.08 29.98 0.19
CA ARG B 266 -11.73 30.52 1.50
C ARG B 266 -10.74 29.61 2.19
N LEU B 267 -9.79 30.23 2.86
CA LEU B 267 -8.87 29.55 3.74
C LEU B 267 -9.30 30.00 5.14
N VAL B 268 -9.77 29.04 5.95
CA VAL B 268 -10.27 29.33 7.27
C VAL B 268 -9.36 28.67 8.25
N THR B 269 -8.78 29.44 9.15
CA THR B 269 -7.85 28.87 10.14
C THR B 269 -8.29 29.19 11.56
N LEU B 270 -8.55 28.14 12.35
CA LEU B 270 -8.83 28.30 13.78
C LEU B 270 -7.57 28.07 14.61
N SER B 271 -7.48 28.72 15.77
CA SER B 271 -6.37 28.52 16.75
C SER B 271 -6.85 28.24 18.16
N TYR B 272 -6.13 27.38 18.85
CA TYR B 272 -6.37 27.09 20.26
C TYR B 272 -5.03 27.06 20.99
N LYS B 273 -4.91 27.89 22.03
CA LYS B 273 -3.84 27.81 23.03
C LYS B 273 -4.49 27.28 24.31
N PRO B 274 -4.06 26.12 24.82
CA PRO B 274 -4.68 25.60 26.05
C PRO B 274 -4.47 26.49 27.28
N LYS B 275 -5.38 26.39 28.25
CA LYS B 275 -5.33 27.11 29.55
C LYS B 275 -3.97 26.83 30.26
N ASP B 276 -3.67 25.54 30.40
CA ASP B 276 -2.41 25.07 30.99
C ASP B 276 -1.33 24.99 29.94
N GLU B 277 -0.12 25.30 30.37
CA GLU B 277 1.03 25.29 29.48
C GLU B 277 1.27 23.92 28.94
N THR B 278 1.61 23.89 27.66
CA THR B 278 2.13 22.69 27.02
C THR B 278 3.17 22.98 25.96
N ARG B 279 3.94 21.94 25.69
CA ARG B 279 5.04 21.91 24.72
C ARG B 279 4.64 21.44 23.29
N LYS B 280 3.59 20.62 23.21
CA LYS B 280 3.24 19.93 21.96
C LYS B 280 2.48 20.87 21.03
N LYS B 281 2.92 21.05 19.78
CA LYS B 281 2.27 21.98 18.86
C LYS B 281 1.94 21.26 17.57
N VAL B 282 0.67 21.35 17.14
CA VAL B 282 0.18 20.60 15.99
C VAL B 282 -0.62 21.47 15.06
N ALA B 283 -0.27 21.42 13.77
CA ALA B 283 -1.08 22.04 12.72
C ALA B 283 -1.92 21.00 11.97
N LEU B 284 -3.22 21.25 11.87
CA LEU B 284 -4.12 20.40 11.09
C LEU B 284 -4.54 21.14 9.84
N VAL B 285 -4.60 20.43 8.72
CA VAL B 285 -4.95 21.02 7.44
C VAL B 285 -5.88 20.07 6.74
N GLY B 286 -6.96 20.61 6.22
CA GLY B 286 -7.98 19.75 5.66
C GLY B 286 -8.50 20.22 4.33
N LYS B 287 -8.67 19.24 3.45
CA LYS B 287 -9.28 19.42 2.12
C LYS B 287 -10.79 19.61 2.20
N GLY B 288 -11.21 20.84 1.93
CA GLY B 288 -12.61 21.20 2.01
C GLY B 288 -13.21 21.49 0.64
N ILE B 289 -13.16 20.49 -0.24
CA ILE B 289 -13.78 20.63 -1.57
C ILE B 289 -15.25 20.25 -1.45
N VAL B 290 -16.08 21.28 -1.35
CA VAL B 290 -17.49 21.13 -0.98
C VAL B 290 -18.25 20.46 -2.08
N TYR B 291 -17.76 20.63 -3.31
CA TYR B 291 -18.15 19.76 -4.42
C TYR B 291 -17.05 19.69 -5.45
N ASP B 292 -16.86 18.49 -6.00
CA ASP B 292 -15.87 18.26 -7.04
C ASP B 292 -16.56 17.79 -8.33
N SER B 293 -16.81 18.73 -9.24
CA SER B 293 -17.25 18.40 -10.61
C SER B 293 -16.15 17.72 -11.46
N GLY B 294 -14.90 17.91 -11.07
CA GLY B 294 -13.72 17.64 -11.91
C GLY B 294 -13.10 18.90 -12.53
N GLY B 295 -13.86 19.98 -12.54
CA GLY B 295 -13.55 21.15 -13.41
C GLY B 295 -13.57 20.76 -14.89
N LEU B 296 -12.69 21.35 -15.69
CA LEU B 296 -12.67 21.06 -17.13
C LEU B 296 -12.37 19.56 -17.40
N SER B 297 -11.62 18.95 -16.49
CA SER B 297 -11.44 17.51 -16.44
C SER B 297 -12.68 16.87 -15.78
N LEU B 298 -13.82 17.09 -16.42
CA LEU B 298 -15.11 16.81 -15.87
C LEU B 298 -15.27 15.31 -15.58
N LYS B 299 -15.73 14.98 -14.38
CA LYS B 299 -15.97 13.59 -14.02
C LYS B 299 -17.19 13.05 -14.77
N PRO B 300 -17.15 11.77 -15.20
CA PRO B 300 -18.41 11.12 -15.62
C PRO B 300 -19.39 10.96 -14.41
N THR B 301 -20.67 10.87 -14.71
CA THR B 301 -21.73 10.84 -13.69
C THR B 301 -21.45 9.86 -12.54
N ASN B 302 -21.07 8.63 -12.86
CA ASN B 302 -20.88 7.61 -11.83
C ASN B 302 -19.63 7.81 -10.95
N PHE B 303 -18.69 8.63 -11.41
CA PHE B 303 -17.61 9.16 -10.55
C PHE B 303 -17.91 10.54 -9.91
N MET B 304 -18.89 11.27 -10.43
CA MET B 304 -19.28 12.57 -9.84
C MET B 304 -20.25 12.42 -8.65
N THR B 305 -21.05 11.36 -8.63
CA THR B 305 -21.95 11.12 -7.47
C THR B 305 -21.10 10.86 -6.24
N GLY B 306 -21.54 11.39 -5.11
CA GLY B 306 -20.81 11.31 -3.85
C GLY B 306 -19.73 12.37 -3.64
N MET B 307 -19.53 13.23 -4.61
CA MET B 307 -18.47 14.25 -4.50
C MET B 307 -18.83 15.42 -3.56
N LYS B 308 -20.07 15.47 -3.06
CA LYS B 308 -20.40 16.30 -1.88
C LYS B 308 -19.48 15.93 -0.68
N ARG B 309 -19.01 14.69 -0.67
CA ARG B 309 -18.07 14.19 0.36
C ARG B 309 -16.59 14.60 0.18
N ASP B 310 -16.28 15.35 -0.87
CA ASP B 310 -14.89 15.75 -1.12
C ASP B 310 -14.41 16.80 -0.12
N MET B 311 -15.29 17.19 0.80
CA MET B 311 -14.91 18.02 1.97
C MET B 311 -14.71 17.23 3.29
N GLY B 312 -14.59 15.91 3.17
CA GLY B 312 -14.47 15.03 4.32
C GLY B 312 -13.28 15.31 5.20
N GLY B 313 -12.18 15.67 4.58
CA GLY B 313 -10.93 15.94 5.29
C GLY B 313 -11.03 17.19 6.12
N ALA B 314 -11.73 18.19 5.60
CA ALA B 314 -11.94 19.43 6.34
C ALA B 314 -12.86 19.18 7.50
N ALA B 315 -13.88 18.37 7.28
CA ALA B 315 -14.83 18.04 8.35
C ALA B 315 -14.08 17.29 9.48
N ALA B 316 -13.20 16.36 9.09
CA ALA B 316 -12.40 15.58 10.02
C ALA B 316 -11.54 16.44 10.91
N VAL B 317 -10.73 17.29 10.29
CA VAL B 317 -9.84 18.17 11.09
C VAL B 317 -10.62 19.17 11.91
N PHE B 318 -11.70 19.66 11.35
CA PHE B 318 -12.53 20.60 12.11
C PHE B 318 -13.17 19.95 13.34
N CYS B 319 -13.68 18.74 13.17
CA CYS B 319 -14.34 18.08 14.27
C CYS B 319 -13.32 17.53 15.30
N GLY B 320 -12.13 17.17 14.84
CA GLY B 320 -11.06 16.78 15.76
C GLY B 320 -10.65 17.96 16.60
N PHE B 321 -10.49 19.10 15.95
CA PHE B 321 -10.14 20.37 16.63
C PHE B 321 -11.18 20.65 17.72
N LEU B 322 -12.43 20.62 17.30
CA LEU B 322 -13.60 20.81 18.18
C LEU B 322 -13.60 19.95 19.43
N THR B 323 -13.28 18.67 19.24
CA THR B 323 -13.06 17.76 20.37
C THR B 323 -11.88 18.18 21.29
N ALA B 324 -10.76 18.54 20.68
CA ALA B 324 -9.57 18.88 21.41
C ALA B 324 -9.82 20.11 22.29
N VAL B 325 -10.49 21.11 21.74
CA VAL B 325 -10.83 22.31 22.51
C VAL B 325 -11.78 21.95 23.67
N ARG B 326 -12.80 21.16 23.36
CA ARG B 326 -13.83 20.80 24.34
C ARG B 326 -13.31 19.96 25.50
N LEU B 327 -12.37 19.07 25.23
CA LEU B 327 -11.67 18.26 26.26
C LEU B 327 -10.49 18.98 26.90
N GLN B 328 -10.25 20.22 26.46
CA GLN B 328 -9.16 21.05 26.98
C GLN B 328 -7.83 20.29 26.90
N MET B 329 -7.56 19.65 25.77
CA MET B 329 -6.31 18.89 25.59
C MET B 329 -5.10 19.81 25.66
N PRO B 330 -4.00 19.32 26.26
CA PRO B 330 -2.80 20.14 26.46
C PRO B 330 -1.95 20.20 25.17
N ILE B 331 -2.49 20.79 24.11
CA ILE B 331 -1.78 20.93 22.86
C ILE B 331 -2.21 22.20 22.16
N GLU B 332 -1.24 23.00 21.77
CA GLU B 332 -1.52 24.17 20.95
C GLU B 332 -1.84 23.69 19.52
N LEU B 333 -2.92 24.20 18.97
CA LEU B 333 -3.49 23.69 17.73
C LEU B 333 -3.87 24.76 16.77
N SER B 334 -3.50 24.58 15.50
CA SER B 334 -4.15 25.37 14.41
C SER B 334 -4.90 24.40 13.53
N CYS B 335 -5.98 24.87 12.98
CA CYS B 335 -6.81 24.07 12.09
C CYS B 335 -7.15 24.92 10.88
N THR B 336 -6.62 24.52 9.73
CA THR B 336 -6.80 25.27 8.46
C THR B 336 -7.71 24.47 7.55
N LEU B 337 -8.84 25.07 7.22
CA LEU B 337 -9.77 24.46 6.29
C LEU B 337 -9.55 25.08 4.90
N CYS B 338 -9.30 24.20 3.93
CA CYS B 338 -9.07 24.63 2.57
C CYS B 338 -10.37 24.47 1.80
N LEU B 339 -11.15 25.55 1.78
CA LEU B 339 -12.50 25.53 1.23
C LEU B 339 -12.60 26.05 -0.20
N ALA B 340 -13.07 25.19 -1.11
CA ALA B 340 -13.33 25.57 -2.48
C ALA B 340 -14.36 24.67 -3.08
N GLU B 341 -15.09 25.15 -4.07
CA GLU B 341 -15.82 24.28 -4.97
C GLU B 341 -15.11 24.25 -6.32
N ASN B 342 -14.84 23.03 -6.80
CA ASN B 342 -14.18 22.81 -8.10
C ASN B 342 -15.25 22.79 -9.16
N ALA B 343 -15.50 23.95 -9.75
CA ALA B 343 -16.60 24.11 -10.70
C ALA B 343 -16.12 24.08 -12.16
N ILE B 344 -17.08 24.02 -13.08
CA ILE B 344 -16.79 24.12 -14.51
C ILE B 344 -17.51 25.33 -15.08
N GLY B 345 -16.82 26.00 -16.01
CA GLY B 345 -17.34 27.20 -16.66
C GLY B 345 -16.25 27.96 -17.39
N PRO B 346 -16.58 29.15 -17.91
CA PRO B 346 -15.66 30.00 -18.65
C PRO B 346 -14.40 30.37 -17.85
N ASP B 347 -14.61 30.60 -16.55
CA ASP B 347 -13.56 31.03 -15.62
C ASP B 347 -12.79 29.88 -15.00
N ALA B 348 -13.05 28.65 -15.42
CA ALA B 348 -12.40 27.49 -14.80
C ALA B 348 -10.89 27.46 -15.11
N TYR B 349 -10.08 27.17 -14.11
CA TYR B 349 -8.65 26.96 -14.34
C TYR B 349 -8.46 25.81 -15.35
N ARG B 350 -7.49 26.00 -16.24
CA ARG B 350 -7.40 25.14 -17.42
C ARG B 350 -6.33 24.11 -17.27
N ASN B 351 -6.49 23.03 -18.02
CA ASN B 351 -5.41 22.06 -18.28
C ASN B 351 -4.37 22.71 -19.20
N ASP B 352 -3.29 23.19 -18.60
CA ASP B 352 -2.15 23.96 -19.24
C ASP B 352 -1.85 25.25 -18.50
N ASP B 353 -2.83 25.81 -17.78
CA ASP B 353 -2.56 27.01 -17.00
C ASP B 353 -1.40 26.76 -16.06
N ILE B 354 -0.64 27.82 -15.78
CA ILE B 354 0.43 27.77 -14.81
C ILE B 354 0.09 28.66 -13.61
N LEU B 355 0.09 28.04 -12.43
CA LEU B 355 -0.31 28.68 -11.19
C LEU B 355 0.93 28.92 -10.35
N THR B 356 0.87 29.98 -9.53
CA THR B 356 1.91 30.23 -8.54
C THR B 356 1.27 30.05 -7.16
N LEU B 357 1.56 28.93 -6.53
CA LEU B 357 1.10 28.68 -5.17
C LEU B 357 1.79 29.63 -4.15
N LYS B 358 1.28 29.68 -2.93
CA LYS B 358 1.80 30.57 -1.92
C LYS B 358 3.25 30.32 -1.60
N SER B 359 3.66 29.06 -1.78
CA SER B 359 5.05 28.61 -1.61
C SER B 359 6.02 29.27 -2.59
N GLY B 360 5.49 29.92 -3.64
CA GLY B 360 6.30 30.50 -4.70
C GLY B 360 6.63 29.52 -5.82
N LYS B 361 6.34 28.23 -5.62
CA LYS B 361 6.53 27.24 -6.68
C LYS B 361 5.41 27.25 -7.73
N THR B 362 5.81 27.10 -9.00
CA THR B 362 4.90 27.17 -10.14
C THR B 362 4.41 25.78 -10.46
N VAL B 363 3.14 25.68 -10.84
CA VAL B 363 2.49 24.41 -11.13
C VAL B 363 1.76 24.47 -12.45
N GLU B 364 2.16 23.60 -13.37
CA GLU B 364 1.48 23.44 -14.64
C GLU B 364 0.36 22.47 -14.41
N VAL B 365 -0.85 22.92 -14.59
CA VAL B 365 -2.01 22.05 -14.40
C VAL B 365 -2.14 21.09 -15.60
N ASN B 366 -1.95 19.80 -15.37
CA ASN B 366 -2.29 18.76 -16.39
C ASN B 366 -3.52 17.90 -16.06
N ASN B 367 -4.17 18.15 -14.93
CA ASN B 367 -5.51 17.55 -14.66
C ASN B 367 -6.25 18.42 -13.65
N THR B 368 -7.31 19.07 -14.08
CA THR B 368 -8.03 19.99 -13.17
C THR B 368 -8.77 19.20 -12.05
N ASP B 369 -8.97 17.89 -12.25
CA ASP B 369 -9.61 17.06 -11.24
C ASP B 369 -8.67 16.55 -10.09
N ALA B 370 -7.39 16.80 -10.26
CA ALA B 370 -6.39 16.70 -9.18
C ALA B 370 -6.24 18.05 -8.45
N GLU B 371 -7.35 18.53 -7.92
CA GLU B 371 -7.47 19.87 -7.35
C GLU B 371 -7.22 19.91 -5.83
N GLY B 372 -7.50 18.82 -5.15
CA GLY B 372 -7.36 18.77 -3.71
C GLY B 372 -5.93 19.03 -3.28
N ARG B 373 -4.96 18.45 -3.99
CA ARG B 373 -3.53 18.69 -3.64
C ARG B 373 -3.10 20.14 -3.86
N LEU B 374 -3.74 20.84 -4.77
CA LEU B 374 -3.49 22.26 -4.97
C LEU B 374 -3.98 23.11 -3.79
N VAL B 375 -5.20 22.88 -3.33
CA VAL B 375 -5.72 23.61 -2.16
C VAL B 375 -4.95 23.25 -0.87
N LEU B 376 -4.54 21.99 -0.76
CA LEU B 376 -3.72 21.53 0.36
C LEU B 376 -2.30 22.13 0.31
N GLY B 377 -1.72 22.22 -0.88
CA GLY B 377 -0.42 22.82 -1.03
C GLY B 377 -0.41 24.22 -0.46
N ASP B 378 -1.42 25.01 -0.77
CA ASP B 378 -1.52 26.37 -0.17
C ASP B 378 -1.76 26.26 1.35
N GLY B 379 -2.60 25.31 1.76
CA GLY B 379 -2.90 25.10 3.16
C GLY B 379 -1.71 24.74 4.02
N VAL B 380 -0.90 23.79 3.56
CA VAL B 380 0.23 23.33 4.37
C VAL B 380 1.33 24.40 4.41
N PHE B 381 1.51 25.14 3.30
CA PHE B 381 2.44 26.26 3.30
C PHE B 381 1.97 27.32 4.32
N HIS B 382 0.70 27.66 4.27
CA HIS B 382 0.13 28.59 5.25
C HIS B 382 0.43 28.13 6.70
N ALA B 383 0.23 26.82 6.97
CA ALA B 383 0.37 26.29 8.33
C ALA B 383 1.81 26.26 8.78
N THR B 384 2.73 26.14 7.82
CA THR B 384 4.15 25.97 8.13
C THR B 384 4.98 27.24 7.96
N HIS B 385 4.37 28.32 7.49
CA HIS B 385 5.11 29.54 7.17
C HIS B 385 4.40 30.89 7.40
N GLU B 386 3.08 30.91 7.56
CA GLU B 386 2.29 32.16 7.51
C GLU B 386 1.56 32.43 8.81
N ILE B 387 1.96 31.70 9.80
CA ILE B 387 1.15 31.38 10.94
C ILE B 387 1.98 31.78 12.14
N SER B 388 1.32 32.09 13.26
CA SER B 388 2.01 32.58 14.46
C SER B 388 2.93 31.57 15.16
N PHE B 389 2.77 30.27 14.91
CA PHE B 389 3.64 29.26 15.57
C PHE B 389 4.22 28.19 14.64
N LYS B 390 5.17 27.47 15.19
CA LYS B 390 5.94 26.49 14.49
C LYS B 390 5.48 25.08 14.88
N PRO B 391 4.65 24.45 14.06
CA PRO B 391 4.19 23.16 14.49
C PRO B 391 5.29 22.12 14.51
N ASP B 392 5.24 21.22 15.48
CA ASP B 392 6.12 20.05 15.56
C ASP B 392 5.63 18.97 14.62
N VAL B 393 4.31 18.94 14.40
CA VAL B 393 3.65 17.93 13.56
C VAL B 393 2.65 18.62 12.69
N LEU B 394 2.63 18.27 11.41
CA LEU B 394 1.56 18.68 10.51
C LEU B 394 0.80 17.45 10.06
N VAL B 395 -0.52 17.50 10.24
CA VAL B 395 -1.41 16.43 9.78
C VAL B 395 -2.36 17.03 8.78
N ASP B 396 -2.32 16.51 7.56
CA ASP B 396 -3.29 16.92 6.55
C ASP B 396 -4.16 15.74 6.24
N MET B 397 -5.45 16.03 6.11
CA MET B 397 -6.46 14.99 5.90
C MET B 397 -7.29 15.32 4.70
N ALA B 398 -7.53 14.31 3.89
CA ALA B 398 -8.22 14.51 2.61
C ALA B 398 -8.77 13.24 2.01
N THR B 399 -9.87 13.44 1.30
CA THR B 399 -10.43 12.42 0.42
C THR B 399 -9.77 12.62 -0.93
N LEU B 400 -8.57 12.07 -1.11
CA LEU B 400 -7.69 12.43 -2.27
C LEU B 400 -7.78 11.63 -3.55
N THR B 401 -7.70 10.31 -3.45
CA THR B 401 -7.55 9.47 -4.63
C THR B 401 -8.48 8.24 -4.61
N GLY B 402 -9.05 7.89 -5.77
CA GLY B 402 -9.65 6.57 -6.00
C GLY B 402 -8.64 5.45 -5.75
N ALA B 403 -7.38 5.72 -6.08
CA ALA B 403 -6.31 4.76 -5.84
C ALA B 403 -6.19 4.31 -4.36
N GLN B 404 -6.54 5.19 -3.43
CA GLN B 404 -6.50 4.88 -2.01
C GLN B 404 -7.23 3.59 -1.71
N GLY B 405 -8.40 3.45 -2.30
CA GLY B 405 -9.22 2.26 -2.09
C GLY B 405 -8.53 1.04 -2.66
N ILE B 406 -7.97 1.20 -3.85
CA ILE B 406 -7.27 0.12 -4.51
C ILE B 406 -6.14 -0.38 -3.62
N ALA B 407 -5.47 0.54 -2.96
CA ALA B 407 -4.22 0.23 -2.25
C ALA B 407 -4.47 -0.33 -0.85
N THR B 408 -5.19 0.47 -0.05
CA THR B 408 -5.44 0.17 1.37
C THR B 408 -6.89 -0.19 1.71
N GLY B 409 -7.80 -0.11 0.74
CA GLY B 409 -9.21 -0.57 0.95
C GLY B 409 -10.21 0.42 1.54
N HIS B 410 -11.42 -0.09 1.75
CA HIS B 410 -12.54 0.73 2.24
C HIS B 410 -12.47 1.22 3.70
N ARG B 411 -11.80 0.47 4.56
CA ARG B 411 -11.81 0.72 5.99
CA ARG B 411 -11.81 0.71 6.00
C ARG B 411 -10.47 1.18 6.58
N HIS B 412 -9.45 1.28 5.74
CA HIS B 412 -8.12 1.76 6.17
C HIS B 412 -7.69 2.94 5.36
N ALA B 413 -7.61 4.09 5.99
CA ALA B 413 -7.11 5.28 5.32
C ALA B 413 -5.64 5.09 5.04
N GLY B 414 -5.22 5.53 3.86
CA GLY B 414 -3.81 5.42 3.47
C GLY B 414 -3.06 6.57 4.11
N ILE B 415 -1.95 6.26 4.75
CA ILE B 415 -1.10 7.29 5.30
C ILE B 415 0.35 7.34 4.74
N PHE B 416 0.71 8.55 4.37
CA PHE B 416 2.00 8.89 3.79
C PHE B 416 2.69 9.67 4.87
N VAL B 417 3.73 9.11 5.49
CA VAL B 417 4.32 9.76 6.69
C VAL B 417 5.85 9.80 6.63
N ASN B 418 6.41 10.95 6.90
CA ASN B 418 7.86 11.16 6.71
C ASN B 418 8.74 10.70 7.87
N ASP B 419 8.14 10.07 8.88
CA ASP B 419 8.84 9.64 10.12
C ASP B 419 8.26 8.32 10.57
N GLU B 420 9.10 7.30 10.69
CA GLU B 420 8.67 5.96 11.09
C GLU B 420 7.91 5.92 12.42
N GLU B 421 8.46 6.58 13.44
CA GLU B 421 7.92 6.49 14.79
C GLU B 421 6.50 7.10 14.84
N GLU B 422 6.36 8.26 14.23
CA GLU B 422 5.12 8.97 14.23
C GLU B 422 4.03 8.21 13.43
N GLU B 423 4.48 7.52 12.39
CA GLU B 423 3.60 6.67 11.60
C GLU B 423 3.06 5.56 12.49
N LEU B 424 3.93 4.93 13.28
CA LEU B 424 3.50 3.84 14.18
C LEU B 424 2.54 4.36 15.22
N SER B 425 2.87 5.55 15.70
CA SER B 425 2.06 6.22 16.72
C SER B 425 0.62 6.48 16.18
N PHE B 426 0.56 6.95 14.94
CA PHE B 426 -0.71 7.24 14.24
C PHE B 426 -1.48 5.96 13.96
N LEU B 427 -0.80 4.92 13.48
CA LEU B 427 -1.45 3.60 13.30
C LEU B 427 -2.08 3.04 14.58
N LYS B 428 -1.36 3.17 15.67
CA LYS B 428 -1.84 2.82 17.01
C LYS B 428 -3.15 3.59 17.38
N ALA B 429 -3.21 4.89 17.06
CA ALA B 429 -4.41 5.71 17.30
C ALA B 429 -5.58 5.23 16.42
N GLY B 430 -5.26 4.84 15.20
CA GLY B 430 -6.22 4.20 14.32
C GLY B 430 -6.82 2.96 14.90
N ARG B 431 -5.99 2.13 15.51
CA ARG B 431 -6.46 0.83 16.07
C ARG B 431 -7.26 1.01 17.36
N ALA B 432 -6.90 2.02 18.14
CA ALA B 432 -7.61 2.27 19.40
C ALA B 432 -8.96 2.97 19.13
N SER B 433 -8.99 3.82 18.12
CA SER B 433 -10.19 4.58 17.77
C SER B 433 -11.16 3.78 16.93
N GLY B 434 -10.69 2.66 16.39
CA GLY B 434 -11.43 1.95 15.31
C GLY B 434 -11.41 2.60 13.92
N GLU B 435 -10.91 3.84 13.83
CA GLU B 435 -10.81 4.58 12.56
C GLU B 435 -9.40 4.27 11.96
N THR B 436 -9.28 3.06 11.42
CA THR B 436 -8.01 2.41 11.12
C THR B 436 -7.30 3.00 9.89
N CYS B 437 -5.97 2.94 9.94
CA CYS B 437 -5.11 3.39 8.85
C CYS B 437 -4.14 2.29 8.40
N PHE B 438 -3.49 2.54 7.28
CA PHE B 438 -2.37 1.74 6.83
C PHE B 438 -1.43 2.55 5.99
N PRO B 439 -0.12 2.30 6.13
CA PRO B 439 0.87 3.07 5.37
C PRO B 439 0.86 2.84 3.86
N VAL B 440 1.04 3.92 3.13
CA VAL B 440 1.48 3.83 1.74
C VAL B 440 2.95 4.23 1.66
N LEU B 441 3.61 3.81 0.58
CA LEU B 441 5.06 3.99 0.38
C LEU B 441 5.49 5.43 0.58
N TYR B 442 6.48 5.63 1.46
CA TYR B 442 7.14 6.91 1.59
C TYR B 442 8.55 6.82 0.92
N CYS B 443 8.67 7.45 -0.24
CA CYS B 443 9.87 7.42 -1.05
C CYS B 443 9.88 8.63 -1.98
N PRO B 444 10.06 9.85 -1.40
CA PRO B 444 10.09 11.11 -2.17
C PRO B 444 10.93 11.07 -3.48
N GLU B 445 12.05 10.36 -3.43
CA GLU B 445 12.96 10.30 -4.59
C GLU B 445 12.32 9.65 -5.83
N TYR B 446 11.38 8.73 -5.60
CA TYR B 446 10.64 8.15 -6.70
C TYR B 446 9.34 8.92 -7.05
N HIS B 447 8.72 9.58 -6.08
CA HIS B 447 7.47 10.33 -6.35
C HIS B 447 7.70 11.60 -7.15
N VAL B 448 8.74 12.37 -6.80
CA VAL B 448 8.94 13.72 -7.41
C VAL B 448 9.05 13.73 -8.94
N THR B 449 9.59 12.63 -9.51
CA THR B 449 9.78 12.48 -10.96
C THR B 449 8.49 12.33 -11.78
N GLU B 450 7.41 11.94 -11.12
CA GLU B 450 6.10 11.84 -11.74
C GLU B 450 5.46 13.18 -12.03
N PHE B 451 5.98 14.26 -11.46
CA PHE B 451 5.46 15.59 -11.72
C PHE B 451 6.44 16.51 -12.48
N ARG B 452 7.37 15.94 -13.23
CA ARG B 452 8.20 16.79 -14.13
C ARG B 452 7.33 17.66 -15.08
N SER B 453 7.71 18.93 -15.19
CA SER B 453 7.11 19.86 -16.15
C SER B 453 8.22 20.48 -17.05
N PRO B 454 7.96 20.70 -18.35
CA PRO B 454 8.90 21.43 -19.15
C PRO B 454 8.77 22.96 -19.00
N VAL B 455 7.72 23.46 -18.35
CA VAL B 455 7.49 24.91 -18.26
C VAL B 455 7.25 25.46 -16.86
N ALA B 456 7.18 24.61 -15.85
CA ALA B 456 6.94 25.08 -14.49
C ALA B 456 7.72 24.21 -13.54
N ASP B 457 7.73 24.56 -12.27
CA ASP B 457 8.45 23.73 -11.27
C ASP B 457 7.93 22.27 -11.22
N MET B 458 6.62 22.09 -11.41
CA MET B 458 6.00 20.77 -11.38
C MET B 458 4.62 20.76 -12.09
N ARG B 459 4.19 19.57 -12.47
CA ARG B 459 2.79 19.34 -12.83
C ARG B 459 2.05 18.93 -11.57
N ASN B 460 0.71 18.91 -11.64
CA ASN B 460 -0.12 18.45 -10.51
C ASN B 460 -0.59 16.99 -10.62
N SER B 461 -0.52 16.41 -11.79
CA SER B 461 -1.02 15.05 -11.96
C SER B 461 0.08 14.13 -12.49
N VAL B 462 0.11 12.92 -11.95
CA VAL B 462 1.15 11.97 -12.31
C VAL B 462 1.21 11.65 -13.80
N LYS B 463 2.41 11.44 -14.30
CA LYS B 463 2.60 10.97 -15.65
C LYS B 463 2.11 9.51 -15.79
N GLN B 464 2.46 8.68 -14.82
CA GLN B 464 2.03 7.29 -14.80
C GLN B 464 1.12 7.09 -13.60
N VAL B 465 -0.02 6.48 -13.85
CA VAL B 465 -1.02 6.20 -12.81
C VAL B 465 -0.71 4.95 -11.99
N ASN B 466 0.20 4.14 -12.50
CA ASN B 466 0.54 2.86 -11.86
C ASN B 466 1.88 2.90 -11.15
N ASN B 467 2.17 4.02 -10.50
CA ASN B 467 3.43 4.19 -9.79
C ASN B 467 3.25 4.87 -8.43
N ALA B 468 2.56 4.16 -7.54
CA ALA B 468 2.39 4.58 -6.14
C ALA B 468 1.66 5.92 -6.13
N SER B 469 0.50 5.96 -6.75
CA SER B 469 -0.20 7.20 -6.97
C SER B 469 -0.78 7.81 -5.70
N VAL B 470 -1.08 7.01 -4.70
CA VAL B 470 -1.55 7.57 -3.43
C VAL B 470 -0.39 8.36 -2.78
N SER B 471 0.78 7.74 -2.84
CA SER B 471 2.01 8.33 -2.32
C SER B 471 2.41 9.60 -3.06
N CYS B 472 2.31 9.61 -4.38
CA CYS B 472 2.65 10.79 -5.20
C CYS B 472 1.74 12.00 -4.88
N ALA B 473 0.44 11.78 -4.70
CA ALA B 473 -0.43 12.89 -4.24
C ALA B 473 0.01 13.44 -2.88
N GLY B 474 0.43 12.56 -1.99
CA GLY B 474 1.06 13.00 -0.73
C GLY B 474 2.33 13.82 -0.96
N GLN B 475 3.19 13.33 -1.83
CA GLN B 475 4.43 14.03 -2.18
C GLN B 475 4.18 15.42 -2.76
N PHE B 476 3.19 15.53 -3.60
CA PHE B 476 2.84 16.83 -4.16
C PHE B 476 2.58 17.84 -3.02
N VAL B 477 1.76 17.44 -2.05
CA VAL B 477 1.43 18.32 -0.96
C VAL B 477 2.70 18.65 -0.22
N ALA B 478 3.52 17.63 0.05
CA ALA B 478 4.83 17.83 0.74
C ALA B 478 5.75 18.82 0.02
N ASN B 479 5.66 18.89 -1.30
CA ASN B 479 6.46 19.86 -2.10
C ASN B 479 6.22 21.30 -1.71
N HIS B 480 5.06 21.61 -1.15
CA HIS B 480 4.74 22.99 -0.76
C HIS B 480 4.85 23.27 0.73
N LEU B 481 5.46 22.33 1.45
CA LEU B 481 5.85 22.59 2.83
C LEU B 481 6.87 23.70 2.84
N SER B 482 6.83 24.53 3.86
CA SER B 482 7.85 25.53 4.06
C SER B 482 9.21 24.84 4.08
N PRO B 483 10.20 25.43 3.37
CA PRO B 483 11.55 24.85 3.39
C PRO B 483 12.20 24.87 4.81
N ASP B 484 11.73 25.75 5.69
CA ASP B 484 12.01 25.76 7.17
C ASP B 484 11.57 24.53 7.97
N PHE B 485 10.50 23.91 7.49
CA PHE B 485 9.79 22.92 8.27
C PHE B 485 10.64 21.66 8.42
N LYS B 486 11.03 21.36 9.66
CA LYS B 486 11.86 20.22 9.97
C LYS B 486 11.07 19.15 10.75
N GLY B 487 9.75 19.29 10.77
CA GLY B 487 8.90 18.51 11.65
C GLY B 487 8.34 17.27 11.00
N LYS B 488 7.45 16.62 11.74
CA LYS B 488 6.80 15.42 11.28
C LYS B 488 5.55 15.78 10.44
N HIS B 489 5.39 15.04 9.33
CA HIS B 489 4.31 15.24 8.37
C HIS B 489 3.58 13.93 8.20
N ILE B 490 2.29 13.97 8.54
CA ILE B 490 1.39 12.86 8.40
C ILE B 490 0.32 13.27 7.42
N HIS B 491 0.30 12.56 6.29
CA HIS B 491 -0.70 12.80 5.23
C HIS B 491 -1.71 11.65 5.18
N VAL B 492 -2.99 11.97 5.30
CA VAL B 492 -4.06 10.96 5.44
C VAL B 492 -5.00 11.02 4.23
N ASP B 493 -5.02 9.95 3.44
CA ASP B 493 -5.91 9.82 2.29
C ASP B 493 -7.07 8.94 2.75
N MET B 494 -8.19 9.54 2.99
CA MET B 494 -9.36 8.87 3.60
C MET B 494 -10.58 8.82 2.66
N ALA B 495 -10.30 8.73 1.36
CA ALA B 495 -11.34 8.80 0.33
C ALA B 495 -12.49 7.82 0.58
N PHE B 496 -12.16 6.56 0.77
CA PHE B 496 -13.15 5.48 0.98
C PHE B 496 -13.65 5.31 2.45
N PRO B 497 -12.76 5.42 3.45
CA PRO B 497 -13.22 5.30 4.83
C PRO B 497 -14.22 6.37 5.26
N ALA B 498 -14.27 7.48 4.53
CA ALA B 498 -15.26 8.55 4.75
C ALA B 498 -16.73 8.11 4.57
N PHE B 499 -16.97 6.96 3.94
CA PHE B 499 -18.31 6.45 3.70
C PHE B 499 -18.43 4.92 3.63
N GLU B 500 -19.63 4.45 3.87
CA GLU B 500 -19.94 3.01 3.97
C GLU B 500 -21.42 2.83 3.67
N ASN B 501 -21.75 1.85 2.83
CA ASN B 501 -23.11 1.66 2.30
C ASN B 501 -23.72 2.98 1.84
N ASP B 502 -22.92 3.77 1.13
CA ASP B 502 -23.40 5.03 0.60
C ASP B 502 -23.89 6.04 1.68
N LYS B 503 -23.34 5.95 2.87
CA LYS B 503 -23.57 6.92 3.96
C LYS B 503 -22.24 7.26 4.66
N ALA B 504 -22.12 8.53 5.00
CA ALA B 504 -20.97 9.05 5.67
C ALA B 504 -20.76 8.31 6.98
N THR B 505 -19.49 8.11 7.33
CA THR B 505 -19.08 7.43 8.55
C THR B 505 -18.66 8.35 9.66
N GLY B 506 -18.39 9.60 9.35
CA GLY B 506 -17.77 10.51 10.34
C GLY B 506 -16.30 10.16 10.67
N PHE B 507 -15.63 9.44 9.77
CA PHE B 507 -14.25 9.02 9.97
C PHE B 507 -13.32 10.23 10.09
N GLY B 508 -12.31 10.12 10.94
CA GLY B 508 -11.25 11.12 11.03
C GLY B 508 -11.07 11.74 12.40
N PRO B 509 -12.10 12.43 12.91
CA PRO B 509 -11.97 13.15 14.20
C PRO B 509 -11.53 12.30 15.39
N ALA B 510 -11.99 11.07 15.48
CA ALA B 510 -11.63 10.22 16.64
C ALA B 510 -10.20 9.68 16.54
N LEU B 511 -9.83 9.23 15.33
CA LEU B 511 -8.44 8.90 14.98
C LEU B 511 -7.52 10.04 15.42
N LEU B 512 -7.90 11.22 15.02
CA LEU B 512 -7.16 12.41 15.32
C LEU B 512 -7.09 12.72 16.81
N THR B 513 -8.23 12.61 17.44
CA THR B 513 -8.37 12.87 18.87
C THR B 513 -7.48 11.91 19.68
N GLU B 514 -7.49 10.65 19.30
CA GLU B 514 -6.70 9.64 19.98
C GLU B 514 -5.19 9.87 19.80
N TYR B 515 -4.81 10.28 18.60
CA TYR B 515 -3.42 10.58 18.29
C TYR B 515 -2.91 11.75 19.14
N LEU B 516 -3.70 12.84 19.17
CA LEU B 516 -3.36 14.03 19.97
C LEU B 516 -3.31 13.72 21.45
N ARG B 517 -4.30 12.99 21.93
CA ARG B 517 -4.38 12.56 23.33
C ARG B 517 -3.09 11.89 23.83
N ASN B 518 -2.41 11.16 22.96
CA ASN B 518 -1.19 10.36 23.29
C ASN B 518 0.17 10.96 22.89
N LEU B 519 0.18 12.25 22.58
CA LEU B 519 1.24 12.84 21.76
C LEU B 519 2.58 12.98 22.45
C1 CIT C . 0.38 -7.34 -14.41
O1 CIT C . 1.58 -7.51 -14.72
O2 CIT C . -0.16 -6.23 -14.64
C2 CIT C . -0.37 -8.50 -13.71
C3 CIT C . -1.45 -9.24 -14.50
O7 CIT C . -0.81 -9.65 -15.71
C4 CIT C . -2.03 -10.49 -13.81
C5 CIT C . -2.83 -11.46 -14.67
O3 CIT C . -2.62 -12.69 -14.59
O4 CIT C . -3.71 -11.10 -15.44
C6 CIT C . -2.60 -8.27 -14.72
O5 CIT C . -2.62 -7.66 -15.80
O6 CIT C . -3.48 -8.09 -13.83
MN MN D . -4.09 -12.98 -15.85
S SO4 E . -3.55 -13.26 -10.76
O1 SO4 E . -4.31 -14.16 -9.90
O2 SO4 E . -2.12 -13.61 -10.66
O3 SO4 E . -3.96 -13.42 -12.17
O4 SO4 E . -3.73 -11.87 -10.27
C1 CIT F . 7.33 2.36 6.63
O1 CIT F . 8.54 2.06 6.56
O2 CIT F . 6.98 3.55 6.64
C2 CIT F . 6.21 1.34 6.65
C3 CIT F . 6.19 0.34 7.82
O7 CIT F . 6.08 1.00 9.09
C4 CIT F . 4.94 -0.54 7.55
C5 CIT F . 4.67 -1.78 8.38
O3 CIT F . 5.63 -2.38 8.90
O4 CIT F . 3.48 -2.20 8.50
C6 CIT F . 7.50 -0.44 7.81
O5 CIT F . 8.00 -0.81 6.73
O6 CIT F . 8.07 -0.68 8.88
C1 CIT G . -12.49 9.93 -4.24
O1 CIT G . -11.59 9.13 -4.52
O2 CIT G . -13.63 9.50 -4.00
C2 CIT G . -12.21 11.44 -4.17
C3 CIT G . -11.23 12.13 -5.18
O7 CIT G . -10.09 11.43 -5.71
C4 CIT G . -11.50 13.61 -5.55
C5 CIT G . -10.77 14.38 -6.67
O3 CIT G . -10.93 14.17 -7.88
O4 CIT G . -10.13 15.39 -6.42
C6 CIT G . -11.94 11.60 -6.45
O5 CIT G . -11.25 11.07 -7.38
O6 CIT G . -13.19 11.67 -6.61
MN MN H . -10.89 16.12 -8.07
S SO4 I . -6.65 15.40 -5.33
O1 SO4 I . -7.64 15.85 -6.32
O2 SO4 I . -6.15 14.01 -5.54
O3 SO4 I . -7.37 15.44 -4.01
O4 SO4 I . -5.44 16.23 -5.37
#